data_2L9F
#
_entry.id   2L9F
#
_entity_poly.entity_id   1
_entity_poly.type   'polypeptide(L)'
_entity_poly.pdbx_seq_one_letter_code
;MARADDTALPAATGALELVRHLVAERAELPVEVLRDDSRFLDDLHMSSITVGQLVNEAARAMGLSAVAMPTNFATATVRE
MAEALEAREREAPHLEHHHHHH
;
_entity_poly.pdbx_strand_id   A
#
# COMPACT_ATOMS: atom_id res chain seq x y z
N MET A 1 -9.66 3.88 -18.70
CA MET A 1 -10.58 4.54 -19.61
C MET A 1 -11.22 5.76 -18.95
N ALA A 2 -11.37 5.70 -17.63
CA ALA A 2 -11.96 6.80 -16.88
C ALA A 2 -10.90 7.54 -16.07
N ARG A 3 -9.89 6.81 -15.61
CA ARG A 3 -8.81 7.41 -14.82
C ARG A 3 -7.46 7.14 -15.47
N ALA A 4 -6.44 7.86 -15.01
CA ALA A 4 -5.09 7.70 -15.55
C ALA A 4 -4.35 6.57 -14.84
N ASP A 5 -4.66 6.38 -13.56
CA ASP A 5 -4.03 5.34 -12.77
C ASP A 5 -4.27 3.96 -13.38
N ASP A 6 -5.54 3.55 -13.41
CA ASP A 6 -5.90 2.25 -13.96
C ASP A 6 -5.25 1.12 -13.19
N THR A 7 -5.75 -0.10 -13.40
CA THR A 7 -5.21 -1.26 -12.71
C THR A 7 -3.69 -1.29 -12.77
N ALA A 8 -3.07 -1.94 -11.79
CA ALA A 8 -1.63 -2.04 -11.73
C ALA A 8 -0.98 -0.66 -11.54
N LEU A 9 0.33 -0.60 -11.72
CA LEU A 9 1.05 0.65 -11.56
C LEU A 9 0.64 1.67 -12.63
N PRO A 10 0.64 2.95 -12.26
CA PRO A 10 0.27 4.04 -13.17
C PRO A 10 1.29 4.26 -14.27
N ALA A 11 2.56 4.35 -13.87
CA ALA A 11 3.64 4.56 -14.82
C ALA A 11 4.80 3.61 -14.57
N ALA A 12 5.67 3.97 -13.64
CA ALA A 12 6.82 3.14 -13.29
C ALA A 12 6.46 2.10 -12.24
N THR A 13 5.89 2.57 -11.13
CA THR A 13 5.48 1.68 -10.04
C THR A 13 4.28 2.24 -9.30
N GLY A 14 4.35 3.51 -8.92
CA GLY A 14 3.24 4.13 -8.21
C GLY A 14 3.03 3.53 -6.84
N ALA A 15 3.21 4.36 -5.81
CA ALA A 15 3.04 3.91 -4.43
C ALA A 15 1.70 3.20 -4.25
N LEU A 16 0.70 3.62 -5.01
CA LEU A 16 -0.63 3.02 -4.93
C LEU A 16 -0.57 1.53 -5.24
N GLU A 17 0.21 1.17 -6.25
CA GLU A 17 0.35 -0.23 -6.65
C GLU A 17 1.14 -1.01 -5.60
N LEU A 18 2.10 -0.34 -4.97
CA LEU A 18 2.92 -0.97 -3.95
C LEU A 18 2.08 -1.48 -2.79
N VAL A 19 1.24 -0.59 -2.24
CA VAL A 19 0.37 -0.95 -1.13
C VAL A 19 -0.64 -2.02 -1.54
N ARG A 20 -1.36 -1.76 -2.62
CA ARG A 20 -2.35 -2.71 -3.13
C ARG A 20 -1.72 -4.06 -3.41
N HIS A 21 -0.51 -4.05 -3.95
CA HIS A 21 0.19 -5.28 -4.27
C HIS A 21 0.49 -6.08 -3.00
N LEU A 22 1.16 -5.44 -2.06
CA LEU A 22 1.52 -6.08 -0.79
C LEU A 22 0.27 -6.60 -0.09
N VAL A 23 -0.83 -5.85 -0.19
CA VAL A 23 -2.08 -6.25 0.44
C VAL A 23 -2.71 -7.43 -0.29
N ALA A 24 -2.78 -7.33 -1.61
CA ALA A 24 -3.37 -8.40 -2.42
C ALA A 24 -2.63 -9.72 -2.20
N GLU A 25 -1.30 -9.68 -2.28
CA GLU A 25 -0.49 -10.87 -2.09
C GLU A 25 -0.64 -11.41 -0.67
N ARG A 26 -0.87 -10.50 0.28
CA ARG A 26 -1.03 -10.88 1.68
C ARG A 26 -2.42 -11.43 1.94
N ALA A 27 -3.33 -11.17 1.02
CA ALA A 27 -4.71 -11.63 1.14
C ALA A 27 -4.92 -12.94 0.38
N GLU A 28 -3.83 -13.49 -0.15
CA GLU A 28 -3.89 -14.73 -0.90
C GLU A 28 -4.60 -14.53 -2.24
N LEU A 29 -4.39 -13.36 -2.84
CA LEU A 29 -5.00 -13.04 -4.12
C LEU A 29 -4.10 -12.12 -4.94
N PRO A 30 -4.36 -12.06 -6.26
CA PRO A 30 -3.57 -11.22 -7.18
C PRO A 30 -3.83 -9.73 -6.95
N VAL A 31 -2.92 -8.90 -7.47
CA VAL A 31 -3.04 -7.45 -7.33
C VAL A 31 -3.99 -6.87 -8.37
N GLU A 32 -4.31 -7.68 -9.38
CA GLU A 32 -5.20 -7.25 -10.44
C GLU A 32 -6.66 -7.38 -10.02
N VAL A 33 -6.90 -8.19 -9.00
CA VAL A 33 -8.25 -8.40 -8.49
C VAL A 33 -8.48 -7.61 -7.20
N LEU A 34 -7.43 -6.97 -6.70
CA LEU A 34 -7.52 -6.18 -5.49
C LEU A 34 -8.36 -4.93 -5.70
N ARG A 35 -9.46 -4.83 -4.96
CA ARG A 35 -10.36 -3.68 -5.07
C ARG A 35 -9.81 -2.49 -4.28
N ASP A 36 -10.10 -1.28 -4.76
CA ASP A 36 -9.64 -0.07 -4.10
C ASP A 36 -10.43 0.18 -2.82
N ASP A 37 -11.63 -0.39 -2.75
CA ASP A 37 -12.48 -0.24 -1.58
C ASP A 37 -12.45 -1.50 -0.71
N SER A 38 -11.43 -2.32 -0.92
CA SER A 38 -11.29 -3.56 -0.16
C SER A 38 -10.67 -3.28 1.21
N ARG A 39 -11.47 -3.45 2.26
CA ARG A 39 -11.02 -3.23 3.62
C ARG A 39 -9.99 -4.28 4.04
N PHE A 40 -9.15 -3.95 5.01
CA PHE A 40 -8.13 -4.86 5.49
C PHE A 40 -8.72 -5.86 6.49
N LEU A 41 -10.02 -6.09 6.38
CA LEU A 41 -10.71 -7.03 7.27
C LEU A 41 -12.02 -7.50 6.66
N ASP A 42 -12.77 -6.56 6.07
CA ASP A 42 -14.04 -6.88 5.44
C ASP A 42 -13.85 -7.87 4.30
N ASP A 43 -12.84 -7.64 3.48
CA ASP A 43 -12.55 -8.51 2.34
C ASP A 43 -11.15 -9.10 2.46
N LEU A 44 -10.15 -8.23 2.48
CA LEU A 44 -8.76 -8.67 2.58
C LEU A 44 -8.56 -9.55 3.80
N HIS A 45 -9.41 -9.39 4.81
CA HIS A 45 -9.33 -10.18 6.03
C HIS A 45 -7.91 -10.17 6.59
N MET A 46 -7.49 -9.01 7.06
CA MET A 46 -6.15 -8.86 7.63
C MET A 46 -6.22 -8.32 9.06
N SER A 47 -5.99 -9.20 10.03
CA SER A 47 -6.02 -8.82 11.43
C SER A 47 -5.05 -7.67 11.70
N SER A 48 -5.30 -6.93 12.78
CA SER A 48 -4.46 -5.81 13.17
C SER A 48 -2.99 -6.18 13.11
N ILE A 49 -2.68 -7.40 13.55
CA ILE A 49 -1.30 -7.89 13.55
C ILE A 49 -0.84 -8.23 12.13
N THR A 50 -1.74 -8.80 11.35
CA THR A 50 -1.43 -9.18 9.97
C THR A 50 -1.14 -7.94 9.12
N VAL A 51 -1.95 -6.90 9.30
CA VAL A 51 -1.79 -5.67 8.55
C VAL A 51 -0.40 -5.07 8.78
N GLY A 52 -0.01 -4.95 10.03
CA GLY A 52 1.29 -4.40 10.36
C GLY A 52 2.43 -5.15 9.71
N GLN A 53 2.21 -6.45 9.47
CA GLN A 53 3.22 -7.29 8.84
C GLN A 53 3.49 -6.84 7.41
N LEU A 54 2.43 -6.58 6.67
CA LEU A 54 2.55 -6.15 5.28
C LEU A 54 2.85 -4.66 5.20
N VAL A 55 2.32 -3.90 6.15
CA VAL A 55 2.54 -2.46 6.19
C VAL A 55 4.01 -2.12 6.30
N ASN A 56 4.75 -2.95 7.04
CA ASN A 56 6.18 -2.75 7.24
C ASN A 56 6.94 -2.96 5.94
N GLU A 57 6.43 -3.86 5.10
CA GLU A 57 7.06 -4.15 3.82
C GLU A 57 6.90 -2.98 2.85
N ALA A 58 5.78 -2.29 2.95
CA ALA A 58 5.51 -1.15 2.08
C ALA A 58 6.43 0.02 2.42
N ALA A 59 6.47 0.39 3.70
CA ALA A 59 7.31 1.49 4.14
C ALA A 59 8.74 1.32 3.68
N ARG A 60 9.23 0.08 3.72
CA ARG A 60 10.60 -0.22 3.30
C ARG A 60 10.81 0.16 1.84
N ALA A 61 9.85 -0.17 0.99
CA ALA A 61 9.93 0.14 -0.44
C ALA A 61 9.80 1.64 -0.67
N MET A 62 8.89 2.27 0.06
CA MET A 62 8.67 3.72 -0.06
C MET A 62 9.83 4.49 0.54
N GLY A 63 10.73 3.79 1.21
CA GLY A 63 11.88 4.44 1.83
C GLY A 63 11.50 5.21 3.08
N LEU A 64 10.72 4.57 3.96
CA LEU A 64 10.30 5.20 5.20
C LEU A 64 11.00 4.56 6.40
N SER A 65 10.47 4.81 7.59
CA SER A 65 11.04 4.27 8.81
C SER A 65 10.01 4.22 9.93
N ALA A 66 9.72 5.39 10.51
CA ALA A 66 8.75 5.48 11.58
C ALA A 66 7.33 5.48 11.05
N VAL A 67 7.19 5.65 9.74
CA VAL A 67 5.89 5.67 9.09
C VAL A 67 5.16 4.35 9.29
N ALA A 68 5.91 3.32 9.67
CA ALA A 68 5.33 2.00 9.90
C ALA A 68 4.02 2.10 10.65
N MET A 69 2.91 1.87 9.96
CA MET A 69 1.59 1.94 10.57
C MET A 69 1.28 3.35 11.04
N PRO A 70 0.77 4.19 10.11
CA PRO A 70 0.42 5.58 10.41
C PRO A 70 -0.80 5.69 11.31
N THR A 71 -1.77 4.81 11.09
CA THR A 71 -2.99 4.81 11.88
C THR A 71 -3.71 3.47 11.78
N ASN A 72 -4.82 3.33 12.51
CA ASN A 72 -5.59 2.10 12.51
C ASN A 72 -5.92 1.66 11.08
N PHE A 73 -5.85 0.36 10.83
CA PHE A 73 -6.13 -0.18 9.50
C PHE A 73 -7.32 -1.13 9.56
N ALA A 74 -7.68 -1.56 10.76
CA ALA A 74 -8.79 -2.48 10.95
C ALA A 74 -10.08 -1.90 10.36
N THR A 75 -10.08 -0.59 10.14
CA THR A 75 -11.25 0.09 9.59
C THR A 75 -10.88 0.92 8.37
N ALA A 76 -9.66 0.72 7.88
CA ALA A 76 -9.18 1.45 6.70
C ALA A 76 -9.18 0.56 5.47
N THR A 77 -8.95 1.17 4.31
CA THR A 77 -8.93 0.43 3.05
C THR A 77 -7.58 0.60 2.35
N VAL A 78 -7.39 -0.18 1.28
CA VAL A 78 -6.14 -0.12 0.52
C VAL A 78 -5.85 1.31 0.06
N ARG A 79 -6.90 2.03 -0.31
CA ARG A 79 -6.76 3.40 -0.78
C ARG A 79 -6.22 4.30 0.34
N GLU A 80 -6.70 4.07 1.56
CA GLU A 80 -6.28 4.86 2.71
C GLU A 80 -4.82 4.56 3.05
N MET A 81 -4.48 3.28 3.14
CA MET A 81 -3.12 2.87 3.47
C MET A 81 -2.14 3.35 2.40
N ALA A 82 -2.54 3.24 1.14
CA ALA A 82 -1.70 3.66 0.03
C ALA A 82 -1.55 5.17 0.01
N GLU A 83 -2.65 5.88 0.24
CA GLU A 83 -2.64 7.34 0.24
C GLU A 83 -1.79 7.88 1.38
N ALA A 84 -1.97 7.30 2.56
CA ALA A 84 -1.23 7.70 3.75
C ALA A 84 0.27 7.53 3.54
N LEU A 85 0.66 6.42 2.92
CA LEU A 85 2.06 6.13 2.67
C LEU A 85 2.62 7.06 1.59
N GLU A 86 1.86 7.25 0.52
CA GLU A 86 2.28 8.13 -0.57
C GLU A 86 2.39 9.57 -0.10
N ALA A 87 1.54 9.95 0.86
CA ALA A 87 1.54 11.30 1.39
C ALA A 87 2.83 11.58 2.17
N ARG A 88 3.23 10.64 3.02
CA ARG A 88 4.43 10.78 3.81
C ARG A 88 5.66 10.96 2.92
N GLU A 89 5.87 10.02 2.01
CA GLU A 89 7.01 10.08 1.10
C GLU A 89 6.95 11.34 0.24
N ARG A 90 5.74 11.77 -0.08
CA ARG A 90 5.55 12.97 -0.89
C ARG A 90 6.13 14.19 -0.21
N GLU A 91 6.15 14.17 1.12
CA GLU A 91 6.69 15.28 1.91
C GLU A 91 7.37 14.78 3.17
N ALA A 92 8.37 13.92 3.00
CA ALA A 92 9.11 13.38 4.13
C ALA A 92 10.45 14.07 4.30
N PRO A 93 11.03 13.96 5.51
CA PRO A 93 12.32 14.56 5.83
C PRO A 93 13.49 13.90 5.10
N HIS A 94 14.70 14.33 5.41
CA HIS A 94 15.89 13.76 4.79
C HIS A 94 16.50 12.66 5.66
N LEU A 95 15.64 11.78 6.17
CA LEU A 95 16.10 10.68 7.02
C LEU A 95 15.94 9.34 6.29
N GLU A 96 16.74 8.37 6.70
CA GLU A 96 16.69 7.04 6.10
C GLU A 96 17.27 5.99 7.05
N HIS A 97 16.91 4.73 6.81
CA HIS A 97 17.39 3.63 7.64
C HIS A 97 17.11 2.28 6.99
N HIS A 98 17.79 1.24 7.46
CA HIS A 98 17.62 -0.09 6.90
C HIS A 98 16.86 -0.99 7.90
N HIS A 99 17.47 -1.22 9.06
CA HIS A 99 16.86 -2.06 10.08
C HIS A 99 16.62 -3.47 9.56
N HIS A 100 17.54 -4.37 9.86
CA HIS A 100 17.43 -5.76 9.42
C HIS A 100 17.06 -6.67 10.59
N HIS A 101 17.10 -7.98 10.35
CA HIS A 101 16.77 -8.96 11.38
C HIS A 101 15.33 -8.80 11.85
N HIS A 102 14.44 -9.58 11.25
CA HIS A 102 13.03 -9.54 11.59
C HIS A 102 12.30 -10.79 11.13
N MET A 1 -8.38 -13.75 -17.97
CA MET A 1 -8.16 -12.31 -18.09
C MET A 1 -6.83 -11.92 -17.49
N ALA A 2 -5.95 -11.36 -18.32
CA ALA A 2 -4.63 -10.94 -17.87
C ALA A 2 -3.87 -10.24 -18.99
N ARG A 3 -2.82 -9.51 -18.61
CA ARG A 3 -2.00 -8.79 -19.58
C ARG A 3 -0.84 -8.07 -18.90
N ALA A 4 -0.03 -7.38 -19.69
CA ALA A 4 1.12 -6.64 -19.16
C ALA A 4 0.67 -5.38 -18.44
N ASP A 5 -0.45 -4.82 -18.90
CA ASP A 5 -0.98 -3.59 -18.30
C ASP A 5 -1.95 -3.92 -17.18
N ASP A 6 -2.04 -5.20 -16.83
CA ASP A 6 -2.94 -5.63 -15.77
C ASP A 6 -4.34 -5.07 -15.96
N THR A 7 -5.16 -5.14 -14.92
CA THR A 7 -6.53 -4.64 -14.98
C THR A 7 -6.55 -3.19 -15.47
N ALA A 8 -6.91 -3.01 -16.73
CA ALA A 8 -6.98 -1.67 -17.31
C ALA A 8 -5.61 -1.00 -17.31
N LEU A 9 -5.31 -0.29 -16.22
CA LEU A 9 -4.02 0.40 -16.09
C LEU A 9 -2.96 -0.52 -15.52
N PRO A 10 -1.70 -0.32 -15.94
CA PRO A 10 -0.57 -1.12 -15.47
C PRO A 10 -0.23 -0.86 -14.02
N ALA A 11 -0.88 0.15 -13.43
CA ALA A 11 -0.65 0.50 -12.04
C ALA A 11 0.77 1.00 -11.82
N ALA A 12 1.19 1.93 -12.67
CA ALA A 12 2.53 2.50 -12.57
C ALA A 12 2.59 3.62 -11.54
N THR A 13 1.44 3.89 -10.92
CA THR A 13 1.36 4.95 -9.92
C THR A 13 2.55 4.90 -8.96
N GLY A 14 2.75 3.76 -8.34
CA GLY A 14 3.86 3.60 -7.41
C GLY A 14 3.40 3.22 -6.01
N ALA A 15 3.12 4.24 -5.19
CA ALA A 15 2.66 4.01 -3.82
C ALA A 15 1.36 3.22 -3.81
N LEU A 16 0.51 3.46 -4.79
CA LEU A 16 -0.78 2.77 -4.89
C LEU A 16 -0.58 1.31 -5.29
N GLU A 17 0.25 1.09 -6.30
CA GLU A 17 0.52 -0.27 -6.77
C GLU A 17 1.32 -1.05 -5.74
N LEU A 18 2.20 -0.35 -5.02
CA LEU A 18 3.02 -0.98 -4.00
C LEU A 18 2.19 -1.48 -2.84
N VAL A 19 1.36 -0.59 -2.29
CA VAL A 19 0.49 -0.95 -1.16
C VAL A 19 -0.55 -1.97 -1.59
N ARG A 20 -1.17 -1.75 -2.74
CA ARG A 20 -2.19 -2.65 -3.25
C ARG A 20 -1.60 -4.03 -3.52
N HIS A 21 -0.39 -4.07 -4.06
CA HIS A 21 0.29 -5.32 -4.37
C HIS A 21 0.55 -6.12 -3.09
N LEU A 22 1.24 -5.49 -2.15
CA LEU A 22 1.56 -6.15 -0.89
C LEU A 22 0.30 -6.62 -0.17
N VAL A 23 -0.77 -5.83 -0.30
CA VAL A 23 -2.04 -6.17 0.33
C VAL A 23 -2.71 -7.35 -0.38
N ALA A 24 -2.78 -7.26 -1.71
CA ALA A 24 -3.39 -8.32 -2.51
C ALA A 24 -2.69 -9.65 -2.28
N GLU A 25 -1.36 -9.64 -2.35
CA GLU A 25 -0.58 -10.85 -2.15
C GLU A 25 -0.75 -11.39 -0.73
N ARG A 26 -1.03 -10.48 0.21
CA ARG A 26 -1.21 -10.87 1.60
C ARG A 26 -2.60 -11.46 1.83
N ALA A 27 -3.54 -11.09 0.97
CA ALA A 27 -4.91 -11.57 1.07
C ALA A 27 -5.10 -12.83 0.22
N GLU A 28 -4.00 -13.43 -0.20
CA GLU A 28 -4.05 -14.63 -1.02
C GLU A 28 -4.79 -14.37 -2.33
N LEU A 29 -4.54 -13.21 -2.93
CA LEU A 29 -5.18 -12.83 -4.18
C LEU A 29 -4.26 -11.97 -5.03
N PRO A 30 -4.54 -11.92 -6.33
CA PRO A 30 -3.74 -11.13 -7.29
C PRO A 30 -3.92 -9.63 -7.09
N VAL A 31 -2.94 -8.85 -7.53
CA VAL A 31 -3.00 -7.41 -7.41
C VAL A 31 -3.93 -6.79 -8.45
N GLU A 32 -4.28 -7.59 -9.45
CA GLU A 32 -5.17 -7.13 -10.52
C GLU A 32 -6.63 -7.22 -10.08
N VAL A 33 -6.89 -8.05 -9.08
CA VAL A 33 -8.25 -8.22 -8.58
C VAL A 33 -8.46 -7.44 -7.28
N LEU A 34 -7.40 -6.77 -6.82
CA LEU A 34 -7.47 -5.99 -5.59
C LEU A 34 -8.33 -4.75 -5.79
N ARG A 35 -9.39 -4.65 -4.99
CA ARG A 35 -10.30 -3.51 -5.07
C ARG A 35 -9.71 -2.29 -4.37
N ASP A 36 -10.01 -1.10 -4.89
CA ASP A 36 -9.51 0.14 -4.30
C ASP A 36 -10.24 0.46 -3.01
N ASP A 37 -11.47 -0.01 -2.89
CA ASP A 37 -12.29 0.22 -1.69
C ASP A 37 -12.30 -1.02 -0.80
N SER A 38 -11.34 -1.91 -1.02
CA SER A 38 -11.25 -3.14 -0.24
C SER A 38 -10.73 -2.85 1.17
N ARG A 39 -11.31 -3.51 2.16
CA ARG A 39 -10.90 -3.32 3.55
C ARG A 39 -9.88 -4.37 3.96
N PHE A 40 -9.08 -4.05 4.98
CA PHE A 40 -8.06 -4.96 5.48
C PHE A 40 -8.66 -5.97 6.45
N LEU A 41 -9.96 -6.20 6.34
CA LEU A 41 -10.67 -7.14 7.21
C LEU A 41 -11.95 -7.63 6.56
N ASP A 42 -12.68 -6.71 5.92
CA ASP A 42 -13.93 -7.06 5.26
C ASP A 42 -13.71 -8.13 4.19
N ASP A 43 -12.75 -7.88 3.31
CA ASP A 43 -12.43 -8.83 2.25
C ASP A 43 -11.03 -9.41 2.42
N LEU A 44 -10.04 -8.52 2.51
CA LEU A 44 -8.66 -8.96 2.68
C LEU A 44 -8.51 -9.80 3.95
N HIS A 45 -9.39 -9.59 4.90
CA HIS A 45 -9.36 -10.33 6.15
C HIS A 45 -7.95 -10.34 6.74
N MET A 46 -7.54 -9.20 7.28
CA MET A 46 -6.22 -9.07 7.88
C MET A 46 -6.30 -8.45 9.28
N SER A 47 -5.99 -9.25 10.30
CA SER A 47 -6.05 -8.78 11.67
C SER A 47 -5.09 -7.61 11.89
N SER A 48 -5.31 -6.85 12.95
CA SER A 48 -4.48 -5.70 13.26
C SER A 48 -3.00 -6.07 13.20
N ILE A 49 -2.68 -7.27 13.67
CA ILE A 49 -1.30 -7.74 13.66
C ILE A 49 -0.86 -8.12 12.26
N THR A 50 -1.75 -8.75 11.50
CA THR A 50 -1.45 -9.16 10.14
C THR A 50 -1.17 -7.96 9.24
N VAL A 51 -1.92 -6.88 9.45
CA VAL A 51 -1.76 -5.66 8.68
C VAL A 51 -0.38 -5.06 8.90
N GLY A 52 0.01 -4.91 10.16
CA GLY A 52 1.31 -4.35 10.47
C GLY A 52 2.45 -5.10 9.83
N GLN A 53 2.25 -6.40 9.60
CA GLN A 53 3.26 -7.23 8.99
C GLN A 53 3.51 -6.82 7.54
N LEU A 54 2.44 -6.56 6.81
CA LEU A 54 2.54 -6.15 5.41
C LEU A 54 2.85 -4.67 5.30
N VAL A 55 2.33 -3.88 6.25
CA VAL A 55 2.56 -2.44 6.27
C VAL A 55 4.04 -2.12 6.33
N ASN A 56 4.79 -2.94 7.05
CA ASN A 56 6.23 -2.74 7.20
C ASN A 56 6.94 -2.95 5.86
N GLU A 57 6.41 -3.86 5.05
CA GLU A 57 7.00 -4.15 3.75
C GLU A 57 6.79 -2.99 2.78
N ALA A 58 5.66 -2.31 2.92
CA ALA A 58 5.34 -1.17 2.06
C ALA A 58 6.27 0.00 2.33
N ALA A 59 6.38 0.37 3.60
CA ALA A 59 7.24 1.48 4.00
C ALA A 59 8.69 1.22 3.62
N ARG A 60 9.10 -0.05 3.72
CA ARG A 60 10.47 -0.42 3.39
C ARG A 60 10.79 -0.08 1.94
N ALA A 61 9.86 -0.41 1.04
CA ALA A 61 10.05 -0.14 -0.38
C ALA A 61 10.00 1.36 -0.67
N MET A 62 9.12 2.07 0.04
CA MET A 62 8.99 3.51 -0.14
C MET A 62 10.20 4.24 0.45
N GLY A 63 10.89 3.60 1.37
CA GLY A 63 12.04 4.20 2.00
C GLY A 63 11.71 4.90 3.30
N LEU A 64 10.56 4.56 3.86
CA LEU A 64 10.12 5.16 5.12
C LEU A 64 10.88 4.57 6.30
N SER A 65 10.37 4.81 7.51
CA SER A 65 11.01 4.30 8.72
C SER A 65 10.01 4.25 9.87
N ALA A 66 9.74 5.42 10.45
CA ALA A 66 8.80 5.52 11.57
C ALA A 66 7.35 5.51 11.07
N VAL A 67 7.18 5.69 9.77
CA VAL A 67 5.85 5.70 9.17
C VAL A 67 5.13 4.38 9.40
N ALA A 68 5.90 3.35 9.77
CA ALA A 68 5.32 2.03 10.02
C ALA A 68 4.00 2.13 10.78
N MET A 69 2.91 1.88 10.07
CA MET A 69 1.58 1.95 10.67
C MET A 69 1.26 3.37 11.12
N PRO A 70 0.79 4.19 10.16
CA PRO A 70 0.43 5.59 10.43
C PRO A 70 -0.82 5.71 11.30
N THR A 71 -1.67 4.69 11.27
CA THR A 71 -2.90 4.68 12.04
C THR A 71 -3.63 3.35 11.90
N ASN A 72 -4.71 3.20 12.65
CA ASN A 72 -5.50 1.96 12.61
C ASN A 72 -5.84 1.58 11.17
N PHE A 73 -5.78 0.29 10.88
CA PHE A 73 -6.08 -0.21 9.54
C PHE A 73 -7.27 -1.16 9.57
N ALA A 74 -7.57 -1.69 10.75
CA ALA A 74 -8.69 -2.62 10.91
C ALA A 74 -9.98 -2.01 10.38
N THR A 75 -10.00 -0.69 10.25
CA THR A 75 -11.18 0.00 9.76
C THR A 75 -10.85 0.86 8.54
N ALA A 76 -9.65 0.67 8.00
CA ALA A 76 -9.21 1.43 6.83
C ALA A 76 -9.24 0.56 5.58
N THR A 77 -9.00 1.18 4.43
CA THR A 77 -9.00 0.48 3.16
C THR A 77 -7.65 0.60 2.46
N VAL A 78 -7.46 -0.20 1.41
CA VAL A 78 -6.22 -0.17 0.65
C VAL A 78 -5.89 1.23 0.17
N ARG A 79 -6.93 1.99 -0.17
CA ARG A 79 -6.76 3.35 -0.66
C ARG A 79 -6.20 4.25 0.45
N GLU A 80 -6.68 4.04 1.67
CA GLU A 80 -6.24 4.82 2.81
C GLU A 80 -4.77 4.54 3.14
N MET A 81 -4.43 3.26 3.21
CA MET A 81 -3.07 2.85 3.52
C MET A 81 -2.10 3.31 2.43
N ALA A 82 -2.51 3.16 1.18
CA ALA A 82 -1.68 3.57 0.06
C ALA A 82 -1.56 5.09 -0.01
N GLU A 83 -2.68 5.77 0.19
CA GLU A 83 -2.71 7.23 0.16
C GLU A 83 -1.90 7.82 1.31
N ALA A 84 -1.97 7.16 2.46
CA ALA A 84 -1.24 7.62 3.65
C ALA A 84 0.26 7.55 3.43
N LEU A 85 0.73 6.45 2.85
CA LEU A 85 2.15 6.26 2.58
C LEU A 85 2.63 7.19 1.47
N GLU A 86 1.84 7.29 0.41
CA GLU A 86 2.18 8.15 -0.72
C GLU A 86 2.21 9.62 -0.29
N ALA A 87 1.35 9.97 0.67
CA ALA A 87 1.28 11.34 1.16
C ALA A 87 2.55 11.72 1.89
N ARG A 88 3.07 10.80 2.69
CA ARG A 88 4.29 11.04 3.46
C ARG A 88 5.47 11.32 2.53
N GLU A 89 5.70 10.40 1.60
CA GLU A 89 6.80 10.54 0.65
C GLU A 89 6.59 11.77 -0.24
N ARG A 90 5.34 12.07 -0.53
CA ARG A 90 5.01 13.21 -1.37
C ARG A 90 5.49 14.52 -0.74
N GLU A 91 5.62 14.51 0.59
CA GLU A 91 6.07 15.70 1.31
C GLU A 91 6.53 15.33 2.71
N ALA A 92 7.66 14.63 2.80
CA ALA A 92 8.21 14.22 4.09
C ALA A 92 9.29 15.18 4.55
N PRO A 93 9.57 15.15 5.86
CA PRO A 93 10.59 16.03 6.47
C PRO A 93 12.01 15.65 6.05
N HIS A 94 12.99 16.28 6.69
CA HIS A 94 14.39 16.00 6.38
C HIS A 94 14.98 15.01 7.36
N LEU A 95 14.21 13.98 7.70
CA LEU A 95 14.66 12.96 8.64
C LEU A 95 15.20 11.74 7.89
N GLU A 96 15.66 10.75 8.65
CA GLU A 96 16.20 9.53 8.06
C GLU A 96 16.08 8.36 9.05
N HIS A 97 16.79 8.47 10.16
CA HIS A 97 16.78 7.42 11.18
C HIS A 97 17.34 6.11 10.64
N HIS A 98 18.62 5.87 10.90
CA HIS A 98 19.28 4.67 10.43
C HIS A 98 19.16 4.53 8.92
N HIS A 99 19.62 3.40 8.38
CA HIS A 99 19.56 3.15 6.95
C HIS A 99 19.17 1.70 6.66
N HIS A 100 18.00 1.53 6.04
CA HIS A 100 17.50 0.19 5.71
C HIS A 100 18.05 -0.27 4.36
N HIS A 101 18.20 -1.58 4.21
CA HIS A 101 18.72 -2.15 2.98
C HIS A 101 18.50 -3.67 2.95
N HIS A 102 17.43 -4.12 3.58
CA HIS A 102 17.11 -5.55 3.63
C HIS A 102 16.92 -6.11 2.22
N MET A 1 -15.34 -0.45 -13.44
CA MET A 1 -14.03 -1.06 -13.22
C MET A 1 -13.86 -2.30 -14.11
N ALA A 2 -13.23 -2.11 -15.26
CA ALA A 2 -13.00 -3.20 -16.19
C ALA A 2 -11.52 -3.32 -16.55
N ARG A 3 -11.01 -2.35 -17.29
CA ARG A 3 -9.62 -2.35 -17.70
C ARG A 3 -8.80 -1.40 -16.82
N ALA A 4 -9.19 -1.29 -15.55
CA ALA A 4 -8.49 -0.42 -14.62
C ALA A 4 -7.32 -1.14 -13.96
N ASP A 5 -7.42 -2.47 -13.88
CA ASP A 5 -6.37 -3.27 -13.28
C ASP A 5 -5.70 -4.16 -14.32
N ASP A 6 -6.41 -5.19 -14.77
CA ASP A 6 -5.88 -6.11 -15.77
C ASP A 6 -4.63 -6.81 -15.25
N THR A 7 -4.22 -7.86 -15.96
CA THR A 7 -3.04 -8.63 -15.56
C THR A 7 -1.89 -7.70 -15.19
N ALA A 8 -0.93 -8.23 -14.43
CA ALA A 8 0.24 -7.45 -14.02
C ALA A 8 -0.18 -6.30 -13.11
N LEU A 9 0.71 -5.31 -12.96
CA LEU A 9 0.44 -4.15 -12.12
C LEU A 9 -0.73 -3.34 -12.68
N PRO A 10 -1.45 -2.66 -11.78
CA PRO A 10 -2.60 -1.83 -12.16
C PRO A 10 -2.20 -0.58 -12.92
N ALA A 11 -1.04 -0.02 -12.56
CA ALA A 11 -0.53 1.18 -13.23
C ALA A 11 0.85 1.55 -12.69
N ALA A 12 1.43 2.61 -13.25
CA ALA A 12 2.74 3.07 -12.83
C ALA A 12 2.65 3.94 -11.58
N THR A 13 1.43 4.12 -11.07
CA THR A 13 1.22 4.93 -9.88
C THR A 13 2.41 4.84 -8.94
N GLY A 14 2.68 3.65 -8.43
CA GLY A 14 3.79 3.45 -7.51
C GLY A 14 3.34 3.16 -6.10
N ALA A 15 3.05 4.21 -5.33
CA ALA A 15 2.61 4.06 -3.96
C ALA A 15 1.28 3.30 -3.88
N LEU A 16 0.38 3.60 -4.83
CA LEU A 16 -0.92 2.95 -4.87
C LEU A 16 -0.78 1.48 -5.25
N GLU A 17 0.02 1.21 -6.26
CA GLU A 17 0.24 -0.16 -6.72
C GLU A 17 1.07 -0.95 -5.71
N LEU A 18 1.97 -0.27 -5.03
CA LEU A 18 2.82 -0.91 -4.02
C LEU A 18 1.98 -1.44 -2.86
N VAL A 19 1.16 -0.58 -2.30
CA VAL A 19 0.30 -0.97 -1.18
C VAL A 19 -0.70 -2.04 -1.60
N ARG A 20 -1.40 -1.78 -2.70
CA ARG A 20 -2.39 -2.73 -3.21
C ARG A 20 -1.74 -4.09 -3.51
N HIS A 21 -0.52 -4.05 -4.05
CA HIS A 21 0.20 -5.27 -4.38
C HIS A 21 0.51 -6.08 -3.12
N LEU A 22 1.16 -5.43 -2.16
CA LEU A 22 1.52 -6.09 -0.91
C LEU A 22 0.28 -6.66 -0.22
N VAL A 23 -0.84 -5.95 -0.33
CA VAL A 23 -2.08 -6.38 0.28
C VAL A 23 -2.67 -7.57 -0.47
N ALA A 24 -2.76 -7.45 -1.79
CA ALA A 24 -3.31 -8.52 -2.62
C ALA A 24 -2.54 -9.82 -2.42
N GLU A 25 -1.21 -9.73 -2.46
CA GLU A 25 -0.37 -10.90 -2.28
C GLU A 25 -0.53 -11.48 -0.88
N ARG A 26 -0.91 -10.63 0.06
CA ARG A 26 -1.10 -11.06 1.44
C ARG A 26 -2.44 -11.76 1.62
N ALA A 27 -3.41 -11.38 0.80
CA ALA A 27 -4.74 -11.98 0.85
C ALA A 27 -4.83 -13.20 -0.05
N GLU A 28 -3.69 -13.65 -0.54
CA GLU A 28 -3.64 -14.82 -1.42
C GLU A 28 -4.40 -14.56 -2.72
N LEU A 29 -4.47 -13.28 -3.11
CA LEU A 29 -5.16 -12.89 -4.33
C LEU A 29 -4.27 -12.02 -5.21
N PRO A 30 -4.58 -11.98 -6.51
CA PRO A 30 -3.82 -11.19 -7.48
C PRO A 30 -4.02 -9.69 -7.28
N VAL A 31 -2.99 -8.91 -7.61
CA VAL A 31 -3.04 -7.46 -7.47
C VAL A 31 -3.97 -6.85 -8.51
N GLU A 32 -4.32 -7.64 -9.51
CA GLU A 32 -5.20 -7.17 -10.58
C GLU A 32 -6.67 -7.25 -10.15
N VAL A 33 -6.94 -8.06 -9.14
CA VAL A 33 -8.29 -8.23 -8.64
C VAL A 33 -8.49 -7.48 -7.32
N LEU A 34 -7.41 -6.88 -6.83
CA LEU A 34 -7.47 -6.12 -5.58
C LEU A 34 -8.29 -4.84 -5.76
N ARG A 35 -9.36 -4.72 -4.98
CA ARG A 35 -10.22 -3.54 -5.04
C ARG A 35 -9.61 -2.37 -4.28
N ASP A 36 -9.82 -1.17 -4.78
CA ASP A 36 -9.29 0.03 -4.14
C ASP A 36 -10.06 0.35 -2.85
N ASP A 37 -11.31 -0.09 -2.80
CA ASP A 37 -12.15 0.14 -1.64
C ASP A 37 -12.19 -1.09 -0.73
N SER A 38 -11.22 -1.99 -0.93
CA SER A 38 -11.14 -3.21 -0.14
C SER A 38 -10.59 -2.92 1.26
N ARG A 39 -11.27 -3.44 2.27
CA ARG A 39 -10.86 -3.24 3.65
C ARG A 39 -9.83 -4.28 4.07
N PHE A 40 -9.06 -3.98 5.11
CA PHE A 40 -8.04 -4.88 5.61
C PHE A 40 -8.63 -5.88 6.60
N LEU A 41 -9.94 -6.10 6.50
CA LEU A 41 -10.62 -7.02 7.39
C LEU A 41 -11.91 -7.53 6.76
N ASP A 42 -12.65 -6.62 6.13
CA ASP A 42 -13.91 -6.97 5.48
C ASP A 42 -13.68 -8.02 4.39
N ASP A 43 -12.74 -7.73 3.49
CA ASP A 43 -12.43 -8.65 2.40
C ASP A 43 -11.05 -9.27 2.59
N LEU A 44 -10.03 -8.41 2.67
CA LEU A 44 -8.66 -8.87 2.85
C LEU A 44 -8.53 -9.73 4.11
N HIS A 45 -9.43 -9.50 5.06
CA HIS A 45 -9.42 -10.25 6.31
C HIS A 45 -8.02 -10.27 6.92
N MET A 46 -7.53 -9.09 7.29
CA MET A 46 -6.21 -8.97 7.89
C MET A 46 -6.29 -8.33 9.27
N SER A 47 -6.11 -9.15 10.31
CA SER A 47 -6.16 -8.66 11.68
C SER A 47 -5.17 -7.52 11.89
N SER A 48 -5.39 -6.76 12.96
CA SER A 48 -4.52 -5.63 13.28
C SER A 48 -3.05 -6.04 13.19
N ILE A 49 -2.74 -7.24 13.64
CA ILE A 49 -1.38 -7.75 13.61
C ILE A 49 -0.97 -8.14 12.19
N THR A 50 -1.89 -8.76 11.46
CA THR A 50 -1.63 -9.19 10.09
C THR A 50 -1.35 -7.98 9.19
N VAL A 51 -2.08 -6.90 9.41
CA VAL A 51 -1.90 -5.69 8.63
C VAL A 51 -0.51 -5.10 8.82
N GLY A 52 -0.10 -4.96 10.08
CA GLY A 52 1.20 -4.41 10.38
C GLY A 52 2.33 -5.20 9.76
N GLN A 53 2.08 -6.50 9.55
CA GLN A 53 3.09 -7.38 8.95
C GLN A 53 3.40 -6.95 7.53
N LEU A 54 2.36 -6.72 6.74
CA LEU A 54 2.52 -6.31 5.34
C LEU A 54 2.78 -4.81 5.25
N VAL A 55 2.20 -4.06 6.17
CA VAL A 55 2.36 -2.61 6.19
C VAL A 55 3.83 -2.23 6.32
N ASN A 56 4.60 -3.10 6.97
CA ASN A 56 6.04 -2.85 7.17
C ASN A 56 6.78 -2.94 5.85
N GLU A 57 6.44 -3.93 5.03
CA GLU A 57 7.08 -4.12 3.74
C GLU A 57 6.85 -2.91 2.84
N ALA A 58 5.67 -2.31 2.94
CA ALA A 58 5.32 -1.15 2.13
C ALA A 58 6.27 0.01 2.41
N ALA A 59 6.43 0.35 3.69
CA ALA A 59 7.30 1.44 4.09
C ALA A 59 8.74 1.18 3.65
N ARG A 60 9.14 -0.08 3.67
CA ARG A 60 10.49 -0.45 3.27
C ARG A 60 10.76 -0.05 1.83
N ALA A 61 9.81 -0.35 0.95
CA ALA A 61 9.95 -0.01 -0.46
C ALA A 61 9.87 1.49 -0.68
N MET A 62 8.99 2.15 0.06
CA MET A 62 8.81 3.60 -0.06
C MET A 62 10.02 4.33 0.52
N GLY A 63 10.77 3.65 1.39
CA GLY A 63 11.93 4.26 2.00
C GLY A 63 11.60 5.02 3.26
N LEU A 64 10.59 4.54 4.00
CA LEU A 64 10.17 5.19 5.23
C LEU A 64 10.90 4.59 6.43
N SER A 65 10.40 4.89 7.63
CA SER A 65 11.00 4.38 8.86
C SER A 65 9.98 4.37 9.99
N ALA A 66 9.72 5.56 10.56
CA ALA A 66 8.78 5.69 11.65
C ALA A 66 7.34 5.68 11.15
N VAL A 67 7.19 5.81 9.83
CA VAL A 67 5.86 5.81 9.22
C VAL A 67 5.15 4.49 9.46
N ALA A 68 5.91 3.48 9.85
CA ALA A 68 5.35 2.15 10.11
C ALA A 68 4.03 2.26 10.88
N MET A 69 2.93 1.99 10.19
CA MET A 69 1.61 2.06 10.82
C MET A 69 1.27 3.48 11.23
N PRO A 70 0.80 4.29 10.27
CA PRO A 70 0.43 5.68 10.51
C PRO A 70 -0.82 5.81 11.37
N THR A 71 -1.71 4.83 11.26
CA THR A 71 -2.95 4.83 12.02
C THR A 71 -3.67 3.49 11.90
N ASN A 72 -4.79 3.37 12.62
CA ASN A 72 -5.57 2.15 12.59
C ASN A 72 -5.86 1.72 11.15
N PHE A 73 -5.85 0.41 10.92
CA PHE A 73 -6.11 -0.13 9.59
C PHE A 73 -7.29 -1.10 9.61
N ALA A 74 -7.64 -1.57 10.81
CA ALA A 74 -8.75 -2.49 10.97
C ALA A 74 -10.04 -1.92 10.36
N THR A 75 -10.06 -0.60 10.17
CA THR A 75 -11.22 0.07 9.61
C THR A 75 -10.85 0.87 8.38
N ALA A 76 -9.63 0.67 7.89
CA ALA A 76 -9.14 1.38 6.71
C ALA A 76 -9.11 0.46 5.49
N THR A 77 -8.91 1.05 4.31
CA THR A 77 -8.85 0.28 3.08
C THR A 77 -7.50 0.44 2.40
N VAL A 78 -7.28 -0.34 1.34
CA VAL A 78 -6.02 -0.29 0.60
C VAL A 78 -5.71 1.14 0.15
N ARG A 79 -6.74 1.88 -0.22
CA ARG A 79 -6.58 3.25 -0.68
C ARG A 79 -6.08 4.14 0.46
N GLU A 80 -6.65 3.95 1.64
CA GLU A 80 -6.27 4.74 2.81
C GLU A 80 -4.80 4.50 3.17
N MET A 81 -4.43 3.22 3.24
CA MET A 81 -3.06 2.85 3.57
C MET A 81 -2.08 3.33 2.50
N ALA A 82 -2.52 3.27 1.25
CA ALA A 82 -1.69 3.70 0.14
C ALA A 82 -1.48 5.22 0.15
N GLU A 83 -2.58 5.96 0.26
CA GLU A 83 -2.52 7.41 0.28
C GLU A 83 -1.69 7.91 1.46
N ALA A 84 -1.79 7.19 2.59
CA ALA A 84 -1.06 7.55 3.79
C ALA A 84 0.44 7.50 3.55
N LEU A 85 0.91 6.41 2.93
CA LEU A 85 2.32 6.24 2.65
C LEU A 85 2.77 7.17 1.51
N GLU A 86 1.95 7.23 0.45
CA GLU A 86 2.26 8.08 -0.69
C GLU A 86 2.30 9.55 -0.28
N ALA A 87 1.42 9.93 0.63
CA ALA A 87 1.36 11.30 1.11
C ALA A 87 2.64 11.69 1.84
N ARG A 88 3.17 10.77 2.63
CA ARG A 88 4.39 11.01 3.39
C ARG A 88 5.56 11.30 2.46
N GLU A 89 5.81 10.39 1.51
CA GLU A 89 6.89 10.56 0.56
C GLU A 89 6.70 11.83 -0.26
N ARG A 90 5.45 12.18 -0.51
CA ARG A 90 5.14 13.38 -1.29
C ARG A 90 5.68 14.63 -0.61
N GLU A 91 5.83 14.56 0.71
CA GLU A 91 6.33 15.69 1.47
C GLU A 91 7.30 15.23 2.56
N ALA A 92 8.28 14.42 2.16
CA ALA A 92 9.27 13.90 3.11
C ALA A 92 10.60 14.61 2.93
N PRO A 93 11.45 14.52 3.97
CA PRO A 93 12.78 15.15 3.96
C PRO A 93 13.74 14.48 3.00
N HIS A 94 15.00 14.89 3.03
CA HIS A 94 16.02 14.33 2.15
C HIS A 94 16.92 13.36 2.91
N LEU A 95 16.31 12.47 3.69
CA LEU A 95 17.06 11.50 4.48
C LEU A 95 17.02 10.12 3.83
N GLU A 96 15.91 9.82 3.15
CA GLU A 96 15.74 8.54 2.49
C GLU A 96 14.61 8.60 1.46
N HIS A 97 14.79 7.88 0.36
CA HIS A 97 13.79 7.86 -0.71
C HIS A 97 13.78 6.51 -1.42
N HIS A 98 14.96 6.09 -1.89
CA HIS A 98 15.08 4.81 -2.59
C HIS A 98 15.90 3.82 -1.75
N HIS A 99 15.36 2.61 -1.60
CA HIS A 99 16.04 1.58 -0.84
C HIS A 99 15.29 0.24 -0.94
N HIS A 100 16.01 -0.80 -1.35
CA HIS A 100 15.41 -2.13 -1.50
C HIS A 100 16.47 -3.16 -1.86
N HIS A 101 16.32 -4.37 -1.33
CA HIS A 101 17.26 -5.44 -1.59
C HIS A 101 16.82 -6.73 -0.90
N HIS A 102 17.43 -7.85 -1.30
CA HIS A 102 17.11 -9.14 -0.71
C HIS A 102 18.33 -10.05 -0.70
N MET A 1 6.38 -8.42 -19.17
CA MET A 1 7.12 -7.27 -18.69
C MET A 1 7.87 -6.61 -19.85
N ALA A 2 7.57 -5.33 -20.08
CA ALA A 2 8.22 -4.58 -21.14
C ALA A 2 7.76 -3.12 -21.14
N ARG A 3 6.48 -2.90 -20.87
CA ARG A 3 5.92 -1.56 -20.85
C ARG A 3 5.89 -1.02 -19.42
N ALA A 4 5.48 0.25 -19.29
CA ALA A 4 5.40 0.88 -17.97
C ALA A 4 4.15 0.44 -17.22
N ASP A 5 3.14 0.01 -17.97
CA ASP A 5 1.88 -0.43 -17.37
C ASP A 5 2.14 -1.50 -16.31
N ASP A 6 1.37 -1.44 -15.23
CA ASP A 6 1.51 -2.39 -14.13
C ASP A 6 0.63 -3.61 -14.38
N THR A 7 0.48 -4.44 -13.34
CA THR A 7 -0.33 -5.65 -13.44
C THR A 7 -1.71 -5.35 -14.01
N ALA A 8 -2.00 -5.94 -15.17
CA ALA A 8 -3.28 -5.73 -15.83
C ALA A 8 -3.44 -4.29 -16.31
N LEU A 9 -3.84 -3.41 -15.40
CA LEU A 9 -4.01 -2.00 -15.72
C LEU A 9 -2.72 -1.22 -15.54
N PRO A 10 -2.60 -0.10 -16.25
CA PRO A 10 -1.40 0.76 -16.19
C PRO A 10 -1.26 1.47 -14.84
N ALA A 11 -1.07 0.69 -13.79
CA ALA A 11 -0.93 1.25 -12.45
C ALA A 11 0.48 1.81 -12.24
N ALA A 12 0.76 2.93 -12.89
CA ALA A 12 2.06 3.58 -12.77
C ALA A 12 2.14 4.44 -11.52
N THR A 13 1.04 4.51 -10.78
CA THR A 13 0.97 5.30 -9.56
C THR A 13 2.16 5.00 -8.65
N GLY A 14 2.55 3.74 -8.60
CA GLY A 14 3.67 3.34 -7.76
C GLY A 14 3.28 3.21 -6.30
N ALA A 15 2.95 4.33 -5.67
CA ALA A 15 2.56 4.33 -4.26
C ALA A 15 1.33 3.46 -4.04
N LEU A 16 0.29 3.68 -4.84
CA LEU A 16 -0.95 2.91 -4.71
C LEU A 16 -0.73 1.47 -5.15
N GLU A 17 0.13 1.27 -6.15
CA GLU A 17 0.44 -0.06 -6.66
C GLU A 17 1.22 -0.87 -5.63
N LEU A 18 2.09 -0.19 -4.90
CA LEU A 18 2.91 -0.84 -3.87
C LEU A 18 2.06 -1.36 -2.73
N VAL A 19 1.23 -0.48 -2.16
CA VAL A 19 0.35 -0.84 -1.06
C VAL A 19 -0.66 -1.89 -1.49
N ARG A 20 -1.34 -1.63 -2.61
CA ARG A 20 -2.34 -2.55 -3.13
C ARG A 20 -1.73 -3.91 -3.42
N HIS A 21 -0.51 -3.91 -3.95
CA HIS A 21 0.18 -5.15 -4.28
C HIS A 21 0.47 -5.96 -3.02
N LEU A 22 1.08 -5.30 -2.03
CA LEU A 22 1.41 -5.96 -0.77
C LEU A 22 0.17 -6.53 -0.11
N VAL A 23 -0.94 -5.82 -0.25
CA VAL A 23 -2.20 -6.26 0.34
C VAL A 23 -2.78 -7.44 -0.42
N ALA A 24 -2.76 -7.36 -1.75
CA ALA A 24 -3.28 -8.43 -2.59
C ALA A 24 -2.53 -9.74 -2.35
N GLU A 25 -1.20 -9.66 -2.34
CA GLU A 25 -0.37 -10.83 -2.11
C GLU A 25 -0.59 -11.39 -0.71
N ARG A 26 -0.95 -10.51 0.23
CA ARG A 26 -1.18 -10.91 1.61
C ARG A 26 -2.56 -11.54 1.77
N ALA A 27 -3.42 -11.30 0.79
CA ALA A 27 -4.78 -11.84 0.82
C ALA A 27 -4.90 -13.06 -0.09
N GLU A 28 -3.76 -13.59 -0.51
CA GLU A 28 -3.75 -14.76 -1.39
C GLU A 28 -4.57 -14.51 -2.65
N LEU A 29 -4.37 -13.34 -3.26
CA LEU A 29 -5.11 -12.98 -4.47
C LEU A 29 -4.24 -12.10 -5.37
N PRO A 30 -4.58 -12.10 -6.67
CA PRO A 30 -3.85 -11.31 -7.68
C PRO A 30 -4.07 -9.81 -7.51
N VAL A 31 -3.00 -9.03 -7.60
CA VAL A 31 -3.08 -7.59 -7.46
C VAL A 31 -3.97 -6.98 -8.53
N GLU A 32 -4.24 -7.76 -9.58
CA GLU A 32 -5.08 -7.29 -10.68
C GLU A 32 -6.56 -7.33 -10.29
N VAL A 33 -6.87 -8.12 -9.26
CA VAL A 33 -8.24 -8.25 -8.79
C VAL A 33 -8.45 -7.48 -7.48
N LEU A 34 -7.39 -6.86 -7.00
CA LEU A 34 -7.45 -6.08 -5.76
C LEU A 34 -8.29 -4.83 -5.96
N ARG A 35 -9.36 -4.71 -5.18
CA ARG A 35 -10.24 -3.55 -5.26
C ARG A 35 -9.67 -2.36 -4.49
N ASP A 36 -9.98 -1.16 -4.94
CA ASP A 36 -9.50 0.05 -4.30
C ASP A 36 -10.21 0.30 -2.97
N ASP A 37 -11.42 -0.23 -2.85
CA ASP A 37 -12.21 -0.08 -1.64
C ASP A 37 -12.12 -1.33 -0.77
N SER A 38 -11.11 -2.15 -1.03
CA SER A 38 -10.92 -3.39 -0.28
C SER A 38 -10.41 -3.10 1.13
N ARG A 39 -11.16 -3.55 2.13
CA ARG A 39 -10.79 -3.34 3.53
C ARG A 39 -9.81 -4.41 3.99
N PHE A 40 -8.98 -4.05 4.96
CA PHE A 40 -7.98 -4.98 5.50
C PHE A 40 -8.62 -5.95 6.49
N LEU A 41 -9.92 -6.17 6.33
CA LEU A 41 -10.66 -7.07 7.22
C LEU A 41 -11.94 -7.55 6.55
N ASP A 42 -12.65 -6.62 5.91
CA ASP A 42 -13.90 -6.95 5.23
C ASP A 42 -13.69 -8.04 4.20
N ASP A 43 -12.76 -7.80 3.27
CA ASP A 43 -12.47 -8.77 2.22
C ASP A 43 -11.06 -9.34 2.40
N LEU A 44 -10.07 -8.46 2.44
CA LEU A 44 -8.68 -8.87 2.60
C LEU A 44 -8.50 -9.71 3.85
N HIS A 45 -9.39 -9.52 4.83
CA HIS A 45 -9.34 -10.26 6.07
C HIS A 45 -7.93 -10.26 6.65
N MET A 46 -7.56 -9.16 7.29
CA MET A 46 -6.23 -9.03 7.89
C MET A 46 -6.32 -8.43 9.28
N SER A 47 -6.05 -9.25 10.29
CA SER A 47 -6.11 -8.80 11.68
C SER A 47 -5.16 -7.63 11.91
N SER A 48 -5.40 -6.88 12.98
CA SER A 48 -4.57 -5.72 13.30
C SER A 48 -3.08 -6.10 13.25
N ILE A 49 -2.76 -7.31 13.70
CA ILE A 49 -1.39 -7.78 13.71
C ILE A 49 -0.93 -8.15 12.29
N THR A 50 -1.82 -8.78 11.53
CA THR A 50 -1.50 -9.19 10.17
C THR A 50 -1.22 -7.97 9.28
N VAL A 51 -1.96 -6.90 9.52
CA VAL A 51 -1.78 -5.67 8.75
C VAL A 51 -0.42 -5.06 8.99
N GLY A 52 -0.04 -4.92 10.25
CA GLY A 52 1.24 -4.36 10.60
C GLY A 52 2.40 -5.11 9.96
N GLN A 53 2.20 -6.40 9.71
CA GLN A 53 3.22 -7.23 9.11
C GLN A 53 3.49 -6.81 7.66
N LEU A 54 2.42 -6.56 6.92
CA LEU A 54 2.54 -6.14 5.53
C LEU A 54 2.83 -4.64 5.42
N VAL A 55 2.30 -3.88 6.38
CA VAL A 55 2.51 -2.44 6.40
C VAL A 55 4.00 -2.10 6.46
N ASN A 56 4.76 -2.93 7.16
CA ASN A 56 6.19 -2.71 7.30
C ASN A 56 6.90 -2.90 5.95
N GLU A 57 6.36 -3.77 5.13
CA GLU A 57 6.93 -4.03 3.81
C GLU A 57 6.73 -2.84 2.88
N ALA A 58 5.61 -2.16 3.03
CA ALA A 58 5.30 -0.99 2.21
C ALA A 58 6.26 0.16 2.51
N ALA A 59 6.37 0.52 3.78
CA ALA A 59 7.24 1.60 4.20
C ALA A 59 8.68 1.34 3.78
N ARG A 60 9.09 0.07 3.88
CA ARG A 60 10.46 -0.31 3.51
C ARG A 60 10.73 0.02 2.05
N ALA A 61 9.76 -0.26 1.18
CA ALA A 61 9.90 0.00 -0.24
C ALA A 61 9.93 1.50 -0.52
N MET A 62 9.06 2.24 0.17
CA MET A 62 8.99 3.68 -0.01
C MET A 62 10.21 4.37 0.59
N GLY A 63 10.88 3.68 1.51
CA GLY A 63 12.05 4.25 2.14
C GLY A 63 11.76 4.82 3.51
N LEU A 64 10.51 4.69 3.95
CA LEU A 64 10.10 5.21 5.26
C LEU A 64 10.78 4.43 6.38
N SER A 65 10.25 4.57 7.59
CA SER A 65 10.81 3.90 8.76
C SER A 65 9.84 3.95 9.94
N ALA A 66 9.78 5.12 10.58
CA ALA A 66 8.88 5.31 11.72
C ALA A 66 7.42 5.31 11.29
N VAL A 67 7.20 5.43 9.98
CA VAL A 67 5.85 5.44 9.44
C VAL A 67 5.12 4.14 9.73
N ALA A 68 5.87 3.13 10.12
CA ALA A 68 5.29 1.82 10.43
C ALA A 68 3.95 1.97 11.13
N MET A 69 2.87 1.71 10.40
CA MET A 69 1.52 1.82 10.95
C MET A 69 1.23 3.25 11.38
N PRO A 70 0.83 4.09 10.41
CA PRO A 70 0.51 5.49 10.67
C PRO A 70 -0.78 5.66 11.46
N THR A 71 -1.63 4.64 11.42
CA THR A 71 -2.89 4.67 12.14
C THR A 71 -3.65 3.34 12.00
N ASN A 72 -4.73 3.19 12.76
CA ASN A 72 -5.53 1.98 12.71
C ASN A 72 -5.86 1.59 11.27
N PHE A 73 -5.80 0.31 10.98
CA PHE A 73 -6.09 -0.18 9.64
C PHE A 73 -7.27 -1.15 9.66
N ALA A 74 -7.57 -1.68 10.84
CA ALA A 74 -8.68 -2.63 10.99
C ALA A 74 -9.98 -2.02 10.46
N THR A 75 -10.01 -0.69 10.35
CA THR A 75 -11.20 0.01 9.86
C THR A 75 -10.86 0.86 8.65
N ALA A 76 -9.66 0.67 8.11
CA ALA A 76 -9.23 1.43 6.94
C ALA A 76 -9.22 0.56 5.69
N THR A 77 -8.96 1.17 4.54
CA THR A 77 -8.92 0.44 3.27
C THR A 77 -7.58 0.64 2.56
N VAL A 78 -7.35 -0.15 1.52
CA VAL A 78 -6.12 -0.06 0.75
C VAL A 78 -5.84 1.38 0.32
N ARG A 79 -6.90 2.10 -0.03
CA ARG A 79 -6.76 3.48 -0.47
C ARG A 79 -6.25 4.36 0.66
N GLU A 80 -6.71 4.10 1.88
CA GLU A 80 -6.29 4.86 3.04
C GLU A 80 -4.83 4.61 3.37
N MET A 81 -4.46 3.32 3.42
CA MET A 81 -3.09 2.94 3.72
C MET A 81 -2.13 3.46 2.65
N ALA A 82 -2.52 3.32 1.39
CA ALA A 82 -1.70 3.77 0.28
C ALA A 82 -1.61 5.29 0.25
N GLU A 83 -2.75 5.96 0.45
CA GLU A 83 -2.80 7.41 0.44
C GLU A 83 -1.89 7.99 1.52
N ALA A 84 -1.91 7.36 2.70
CA ALA A 84 -1.08 7.82 3.81
C ALA A 84 0.39 7.78 3.46
N LEU A 85 0.84 6.67 2.89
CA LEU A 85 2.23 6.51 2.50
C LEU A 85 2.56 7.36 1.27
N GLU A 86 1.58 7.54 0.41
CA GLU A 86 1.75 8.34 -0.80
C GLU A 86 2.12 9.77 -0.46
N ALA A 87 1.38 10.36 0.48
CA ALA A 87 1.64 11.74 0.90
C ALA A 87 3.06 11.89 1.41
N ARG A 88 3.53 10.91 2.16
CA ARG A 88 4.89 10.95 2.71
C ARG A 88 5.92 11.03 1.60
N GLU A 89 5.86 10.09 0.66
CA GLU A 89 6.79 10.06 -0.45
C GLU A 89 6.65 11.30 -1.32
N ARG A 90 5.44 11.82 -1.41
CA ARG A 90 5.17 13.02 -2.21
C ARG A 90 5.97 14.20 -1.67
N GLU A 91 6.25 14.19 -0.38
CA GLU A 91 7.00 15.28 0.25
C GLU A 91 8.19 14.73 1.04
N ALA A 92 8.80 13.67 0.50
CA ALA A 92 9.95 13.05 1.15
C ALA A 92 11.19 13.95 1.06
N PRO A 93 12.17 13.70 1.93
CA PRO A 93 13.41 14.47 1.96
C PRO A 93 14.30 14.20 0.75
N HIS A 94 14.10 14.98 -0.31
CA HIS A 94 14.88 14.82 -1.53
C HIS A 94 15.64 16.11 -1.86
N LEU A 95 16.43 16.06 -2.92
CA LEU A 95 17.22 17.21 -3.34
C LEU A 95 16.32 18.40 -3.65
N GLU A 96 15.12 18.12 -4.15
CA GLU A 96 14.16 19.17 -4.49
C GLU A 96 13.60 19.81 -3.23
N HIS A 97 12.75 20.82 -3.41
CA HIS A 97 12.14 21.53 -2.29
C HIS A 97 10.88 22.26 -2.74
N HIS A 98 11.07 23.36 -3.47
CA HIS A 98 9.95 24.15 -3.96
C HIS A 98 9.28 23.48 -5.16
N HIS A 99 7.95 23.46 -5.15
CA HIS A 99 7.19 22.84 -6.23
C HIS A 99 5.71 23.16 -6.11
N HIS A 100 5.19 23.07 -4.89
CA HIS A 100 3.79 23.34 -4.63
C HIS A 100 3.51 23.43 -3.14
N HIS A 101 2.42 24.09 -2.77
CA HIS A 101 2.05 24.26 -1.37
C HIS A 101 0.99 23.22 -0.97
N HIS A 102 0.16 22.83 -1.94
CA HIS A 102 -0.90 21.86 -1.69
C HIS A 102 -0.84 20.73 -2.71
N MET A 1 2.57 -16.62 -8.30
CA MET A 1 2.78 -16.08 -9.64
C MET A 1 1.86 -14.88 -9.89
N ALA A 2 2.08 -13.82 -9.14
CA ALA A 2 1.29 -12.61 -9.28
C ALA A 2 2.15 -11.36 -9.12
N ARG A 3 2.25 -10.57 -10.18
CA ARG A 3 3.05 -9.35 -10.17
C ARG A 3 2.49 -8.32 -11.14
N ALA A 4 2.90 -7.07 -10.98
CA ALA A 4 2.44 -5.99 -11.84
C ALA A 4 3.10 -6.08 -13.22
N ASP A 5 4.39 -6.40 -13.23
CA ASP A 5 5.13 -6.50 -14.48
C ASP A 5 4.65 -7.70 -15.30
N ASP A 6 3.90 -8.59 -14.66
CA ASP A 6 3.37 -9.76 -15.31
C ASP A 6 1.90 -9.59 -15.67
N THR A 7 1.11 -9.17 -14.69
CA THR A 7 -0.33 -8.96 -14.88
C THR A 7 -0.58 -8.08 -16.11
N ALA A 8 -0.33 -6.79 -15.96
CA ALA A 8 -0.54 -5.84 -17.05
C ALA A 8 0.46 -4.69 -16.97
N LEU A 9 0.18 -3.73 -16.09
CA LEU A 9 1.06 -2.58 -15.92
C LEU A 9 2.16 -2.87 -14.90
N PRO A 10 3.42 -2.73 -15.33
CA PRO A 10 4.59 -2.97 -14.48
C PRO A 10 4.74 -1.92 -13.38
N ALA A 11 3.77 -1.87 -12.48
CA ALA A 11 3.79 -0.91 -11.38
C ALA A 11 4.01 0.50 -11.90
N ALA A 12 3.03 1.03 -12.63
CA ALA A 12 3.11 2.37 -13.18
C ALA A 12 2.71 3.41 -12.15
N THR A 13 1.67 3.11 -11.38
CA THR A 13 1.18 4.02 -10.35
C THR A 13 2.27 4.35 -9.35
N GLY A 14 2.71 3.33 -8.61
CA GLY A 14 3.75 3.53 -7.62
C GLY A 14 3.32 3.10 -6.23
N ALA A 15 3.17 4.07 -5.34
CA ALA A 15 2.75 3.80 -3.97
C ALA A 15 1.40 3.10 -3.94
N LEU A 16 0.47 3.57 -4.76
CA LEU A 16 -0.86 2.99 -4.83
C LEU A 16 -0.80 1.50 -5.18
N GLU A 17 0.00 1.18 -6.20
CA GLU A 17 0.14 -0.20 -6.63
C GLU A 17 0.96 -1.00 -5.62
N LEU A 18 1.91 -0.34 -4.97
CA LEU A 18 2.75 -0.99 -3.98
C LEU A 18 1.91 -1.56 -2.83
N VAL A 19 1.08 -0.70 -2.23
CA VAL A 19 0.23 -1.11 -1.13
C VAL A 19 -0.74 -2.20 -1.57
N ARG A 20 -1.48 -1.94 -2.64
CA ARG A 20 -2.45 -2.90 -3.16
C ARG A 20 -1.76 -4.24 -3.48
N HIS A 21 -0.55 -4.16 -4.01
CA HIS A 21 0.20 -5.35 -4.36
C HIS A 21 0.60 -6.14 -3.12
N LEU A 22 1.26 -5.45 -2.19
CA LEU A 22 1.70 -6.08 -0.95
C LEU A 22 0.53 -6.69 -0.19
N VAL A 23 -0.59 -5.96 -0.19
CA VAL A 23 -1.80 -6.43 0.50
C VAL A 23 -2.45 -7.58 -0.26
N ALA A 24 -2.62 -7.40 -1.57
CA ALA A 24 -3.23 -8.43 -2.40
C ALA A 24 -2.49 -9.75 -2.27
N GLU A 25 -1.16 -9.69 -2.38
CA GLU A 25 -0.33 -10.90 -2.29
C GLU A 25 -0.42 -11.51 -0.89
N ARG A 26 -0.76 -10.67 0.09
CA ARG A 26 -0.88 -11.13 1.47
C ARG A 26 -2.20 -11.86 1.69
N ALA A 27 -3.19 -11.54 0.86
CA ALA A 27 -4.50 -12.17 0.96
C ALA A 27 -4.59 -13.40 0.07
N GLU A 28 -3.44 -13.83 -0.45
CA GLU A 28 -3.39 -15.00 -1.32
C GLU A 28 -4.15 -14.74 -2.62
N LEU A 29 -4.02 -13.53 -3.14
CA LEU A 29 -4.70 -13.16 -4.39
C LEU A 29 -3.87 -12.17 -5.18
N PRO A 30 -4.16 -12.07 -6.49
CA PRO A 30 -3.45 -11.17 -7.39
C PRO A 30 -3.78 -9.70 -7.12
N VAL A 31 -2.87 -8.80 -7.51
CA VAL A 31 -3.07 -7.37 -7.31
C VAL A 31 -4.10 -6.82 -8.29
N GLU A 32 -4.53 -7.66 -9.22
CA GLU A 32 -5.51 -7.25 -10.22
C GLU A 32 -6.92 -7.32 -9.65
N VAL A 33 -7.11 -8.15 -8.64
CA VAL A 33 -8.41 -8.30 -8.01
C VAL A 33 -8.57 -7.37 -6.82
N LEU A 34 -7.46 -6.77 -6.39
CA LEU A 34 -7.46 -5.85 -5.26
C LEU A 34 -8.18 -4.55 -5.62
N ARG A 35 -9.22 -4.23 -4.87
CA ARG A 35 -9.99 -3.02 -5.11
C ARG A 35 -9.57 -1.91 -4.14
N ASP A 36 -9.83 -0.66 -4.53
CA ASP A 36 -9.49 0.48 -3.70
C ASP A 36 -10.42 0.57 -2.48
N ASP A 37 -11.53 -0.15 -2.54
CA ASP A 37 -12.50 -0.15 -1.46
C ASP A 37 -12.47 -1.48 -0.71
N SER A 38 -11.39 -2.24 -0.89
CA SER A 38 -11.25 -3.54 -0.23
C SER A 38 -10.67 -3.38 1.17
N ARG A 39 -11.55 -3.30 2.16
CA ARG A 39 -11.12 -3.14 3.55
C ARG A 39 -10.07 -4.19 3.91
N PHE A 40 -9.32 -3.92 4.97
CA PHE A 40 -8.28 -4.84 5.42
C PHE A 40 -8.86 -5.94 6.30
N LEU A 41 -10.18 -6.13 6.20
CA LEU A 41 -10.86 -7.15 6.98
C LEU A 41 -12.12 -7.63 6.26
N ASP A 42 -12.76 -6.73 5.52
CA ASP A 42 -13.97 -7.06 4.77
C ASP A 42 -13.64 -7.90 3.55
N ASP A 43 -12.86 -7.33 2.64
CA ASP A 43 -12.47 -8.03 1.42
C ASP A 43 -11.03 -8.54 1.51
N LEU A 44 -10.41 -8.29 2.66
CA LEU A 44 -9.02 -8.71 2.87
C LEU A 44 -8.93 -9.64 4.09
N HIS A 45 -9.88 -9.50 5.00
CA HIS A 45 -9.90 -10.33 6.21
C HIS A 45 -8.52 -10.36 6.86
N MET A 46 -7.93 -9.19 7.07
CA MET A 46 -6.62 -9.09 7.68
C MET A 46 -6.72 -8.54 9.10
N SER A 47 -6.13 -9.25 10.05
CA SER A 47 -6.17 -8.84 11.45
C SER A 47 -5.26 -7.63 11.68
N SER A 48 -5.58 -6.84 12.70
CA SER A 48 -4.80 -5.66 13.03
C SER A 48 -3.31 -5.97 13.04
N ILE A 49 -2.96 -7.15 13.54
CA ILE A 49 -1.56 -7.57 13.60
C ILE A 49 -1.04 -7.96 12.22
N THR A 50 -1.87 -8.68 11.47
CA THR A 50 -1.50 -9.11 10.13
C THR A 50 -1.22 -7.92 9.22
N VAL A 51 -1.99 -6.85 9.39
CA VAL A 51 -1.82 -5.65 8.58
C VAL A 51 -0.45 -5.04 8.80
N GLY A 52 -0.07 -4.86 10.06
CA GLY A 52 1.23 -4.29 10.38
C GLY A 52 2.37 -5.09 9.80
N GLN A 53 2.15 -6.39 9.61
CA GLN A 53 3.18 -7.27 9.06
C GLN A 53 3.50 -6.89 7.61
N LEU A 54 2.46 -6.69 6.81
CA LEU A 54 2.64 -6.33 5.41
C LEU A 54 2.88 -4.83 5.27
N VAL A 55 2.28 -4.05 6.16
CA VAL A 55 2.43 -2.59 6.13
C VAL A 55 3.90 -2.19 6.24
N ASN A 56 4.69 -3.04 6.89
CA ASN A 56 6.11 -2.77 7.08
C ASN A 56 6.86 -2.90 5.75
N GLU A 57 6.46 -3.89 4.95
CA GLU A 57 7.10 -4.13 3.65
C GLU A 57 6.92 -2.92 2.74
N ALA A 58 5.77 -2.25 2.86
CA ALA A 58 5.47 -1.08 2.04
C ALA A 58 6.42 0.06 2.37
N ALA A 59 6.50 0.41 3.65
CA ALA A 59 7.36 1.49 4.10
C ALA A 59 8.79 1.31 3.58
N ARG A 60 9.26 0.06 3.58
CA ARG A 60 10.60 -0.25 3.11
C ARG A 60 10.78 0.17 1.65
N ALA A 61 9.79 -0.14 0.82
CA ALA A 61 9.83 0.19 -0.59
C ALA A 61 9.72 1.70 -0.79
N MET A 62 8.81 2.33 -0.05
CA MET A 62 8.60 3.77 -0.14
C MET A 62 9.77 4.53 0.46
N GLY A 63 10.66 3.80 1.13
CA GLY A 63 11.82 4.44 1.74
C GLY A 63 11.45 5.26 2.96
N LEU A 64 10.70 4.66 3.87
CA LEU A 64 10.27 5.35 5.09
C LEU A 64 11.00 4.80 6.31
N SER A 65 10.48 5.10 7.49
CA SER A 65 11.08 4.63 8.74
C SER A 65 10.06 4.65 9.87
N ALA A 66 9.75 5.83 10.38
CA ALA A 66 8.79 5.97 11.47
C ALA A 66 7.36 5.90 10.94
N VAL A 67 7.21 6.02 9.62
CA VAL A 67 5.90 5.97 9.00
C VAL A 67 5.22 4.62 9.24
N ALA A 68 6.01 3.63 9.66
CA ALA A 68 5.48 2.30 9.94
C ALA A 68 4.19 2.38 10.73
N MET A 69 3.07 2.09 10.06
CA MET A 69 1.76 2.13 10.70
C MET A 69 1.40 3.55 11.11
N PRO A 70 0.87 4.33 10.16
CA PRO A 70 0.48 5.72 10.41
C PRO A 70 -0.75 5.82 11.29
N THR A 71 -1.63 4.84 11.19
CA THR A 71 -2.86 4.80 11.99
C THR A 71 -3.55 3.46 11.90
N ASN A 72 -4.61 3.29 12.68
CA ASN A 72 -5.36 2.03 12.68
C ASN A 72 -5.71 1.60 11.26
N PHE A 73 -5.69 0.29 11.02
CA PHE A 73 -6.00 -0.26 9.70
C PHE A 73 -7.14 -1.25 9.79
N ALA A 74 -7.58 -1.55 11.02
CA ALA A 74 -8.67 -2.48 11.23
C ALA A 74 -9.99 -1.91 10.74
N THR A 75 -9.97 -0.65 10.32
CA THR A 75 -11.16 0.03 9.83
C THR A 75 -10.85 0.85 8.59
N ALA A 76 -9.65 0.68 8.05
CA ALA A 76 -9.24 1.42 6.86
C ALA A 76 -9.23 0.52 5.63
N THR A 77 -9.00 1.11 4.46
CA THR A 77 -8.97 0.36 3.21
C THR A 77 -7.61 0.48 2.54
N VAL A 78 -7.39 -0.35 1.52
CA VAL A 78 -6.13 -0.35 0.79
C VAL A 78 -5.78 1.05 0.29
N ARG A 79 -6.82 1.81 -0.10
CA ARG A 79 -6.62 3.16 -0.60
C ARG A 79 -6.12 4.08 0.52
N GLU A 80 -6.67 3.90 1.72
CA GLU A 80 -6.29 4.71 2.87
C GLU A 80 -4.82 4.49 3.22
N MET A 81 -4.42 3.22 3.31
CA MET A 81 -3.04 2.87 3.65
C MET A 81 -2.09 3.37 2.57
N ALA A 82 -2.48 3.24 1.31
CA ALA A 82 -1.66 3.67 0.19
C ALA A 82 -1.56 5.19 0.15
N GLU A 83 -2.71 5.86 0.23
CA GLU A 83 -2.74 7.32 0.20
C GLU A 83 -1.93 7.91 1.34
N ALA A 84 -1.97 7.25 2.49
CA ALA A 84 -1.24 7.71 3.66
C ALA A 84 0.27 7.52 3.48
N LEU A 85 0.66 6.40 2.89
CA LEU A 85 2.06 6.11 2.64
C LEU A 85 2.63 7.01 1.54
N GLU A 86 1.87 7.14 0.46
CA GLU A 86 2.30 7.98 -0.66
C GLU A 86 2.40 9.44 -0.24
N ALA A 87 1.53 9.85 0.67
CA ALA A 87 1.52 11.23 1.15
C ALA A 87 2.81 11.54 1.93
N ARG A 88 3.17 10.65 2.84
CA ARG A 88 4.38 10.84 3.65
C ARG A 88 5.61 10.97 2.76
N GLU A 89 5.91 9.93 2.00
CA GLU A 89 7.05 9.93 1.11
C GLU A 89 7.01 11.13 0.17
N ARG A 90 5.79 11.52 -0.22
CA ARG A 90 5.61 12.66 -1.12
C ARG A 90 6.11 13.95 -0.48
N GLU A 91 6.00 14.04 0.84
CA GLU A 91 6.45 15.22 1.56
C GLU A 91 7.86 15.03 2.10
N ALA A 92 8.28 13.78 2.19
CA ALA A 92 9.62 13.46 2.69
C ALA A 92 10.60 13.25 1.55
N PRO A 93 11.91 13.35 1.85
CA PRO A 93 12.97 13.18 0.86
C PRO A 93 13.09 11.75 0.37
N HIS A 94 12.47 11.46 -0.77
CA HIS A 94 12.50 10.13 -1.35
C HIS A 94 13.94 9.72 -1.67
N LEU A 95 14.12 8.44 -2.02
CA LEU A 95 15.44 7.92 -2.35
C LEU A 95 15.92 8.46 -3.69
N GLU A 96 17.05 7.94 -4.16
CA GLU A 96 17.61 8.37 -5.44
C GLU A 96 16.72 7.94 -6.60
N HIS A 97 15.80 8.82 -6.98
CA HIS A 97 14.87 8.53 -8.08
C HIS A 97 14.03 9.75 -8.41
N HIS A 98 13.39 9.72 -9.58
CA HIS A 98 12.54 10.84 -10.00
C HIS A 98 11.34 10.32 -10.81
N HIS A 99 10.16 10.78 -10.45
CA HIS A 99 8.93 10.37 -11.13
C HIS A 99 7.76 11.26 -10.75
N HIS A 100 7.25 12.01 -11.73
CA HIS A 100 6.13 12.91 -11.50
C HIS A 100 6.51 13.99 -10.49
N HIS A 101 5.63 14.97 -10.32
CA HIS A 101 5.87 16.07 -9.40
C HIS A 101 5.31 15.74 -8.02
N HIS A 102 5.54 16.64 -7.06
CA HIS A 102 5.06 16.43 -5.69
C HIS A 102 5.53 15.09 -5.15
N MET A 1 -4.84 -12.18 -20.34
CA MET A 1 -4.82 -10.75 -20.10
C MET A 1 -3.94 -10.41 -18.90
N ALA A 2 -2.77 -9.85 -19.17
CA ALA A 2 -1.84 -9.48 -18.11
C ALA A 2 -0.88 -8.39 -18.58
N ARG A 3 -1.13 -7.16 -18.13
CA ARG A 3 -0.29 -6.03 -18.51
C ARG A 3 0.09 -5.20 -17.29
N ALA A 4 0.99 -4.24 -17.48
CA ALA A 4 1.43 -3.38 -16.39
C ALA A 4 0.25 -2.65 -15.74
N ASP A 5 -0.79 -2.41 -16.53
CA ASP A 5 -1.97 -1.73 -16.04
C ASP A 5 -2.86 -2.68 -15.24
N ASP A 6 -3.49 -2.16 -14.20
CA ASP A 6 -4.37 -2.97 -13.36
C ASP A 6 -5.83 -2.78 -13.78
N THR A 7 -6.75 -3.29 -12.94
CA THR A 7 -8.17 -3.19 -13.23
C THR A 7 -8.56 -1.75 -13.55
N ALA A 8 -9.18 -1.56 -14.71
CA ALA A 8 -9.62 -0.23 -15.14
C ALA A 8 -8.42 0.68 -15.37
N LEU A 9 -7.93 1.30 -14.30
CA LEU A 9 -6.78 2.20 -14.39
C LEU A 9 -5.47 1.43 -14.29
N PRO A 10 -4.37 2.06 -14.74
CA PRO A 10 -3.04 1.46 -14.70
C PRO A 10 -2.50 1.34 -13.28
N ALA A 11 -1.41 0.60 -13.14
CA ALA A 11 -0.79 0.40 -11.83
C ALA A 11 0.64 0.96 -11.82
N ALA A 12 0.92 1.90 -12.71
CA ALA A 12 2.24 2.51 -12.80
C ALA A 12 2.40 3.62 -11.77
N THR A 13 1.33 3.89 -11.03
CA THR A 13 1.35 4.94 -10.01
C THR A 13 2.55 4.79 -9.09
N GLY A 14 2.82 3.56 -8.66
CA GLY A 14 3.94 3.30 -7.78
C GLY A 14 3.49 3.04 -6.35
N ALA A 15 3.21 4.10 -5.61
CA ALA A 15 2.78 3.99 -4.22
C ALA A 15 1.49 3.18 -4.11
N LEU A 16 0.48 3.59 -4.88
CA LEU A 16 -0.81 2.91 -4.87
C LEU A 16 -0.64 1.43 -5.23
N GLU A 17 0.21 1.15 -6.21
CA GLU A 17 0.46 -0.21 -6.64
C GLU A 17 1.25 -0.99 -5.58
N LEU A 18 2.14 -0.28 -4.90
CA LEU A 18 2.97 -0.90 -3.86
C LEU A 18 2.10 -1.48 -2.74
N VAL A 19 1.24 -0.63 -2.19
CA VAL A 19 0.35 -1.05 -1.11
C VAL A 19 -0.65 -2.10 -1.60
N ARG A 20 -1.33 -1.80 -2.69
CA ARG A 20 -2.31 -2.71 -3.27
C ARG A 20 -1.69 -4.07 -3.56
N HIS A 21 -0.45 -4.05 -4.02
CA HIS A 21 0.27 -5.29 -4.34
C HIS A 21 0.53 -6.10 -3.08
N LEU A 22 1.24 -5.51 -2.14
CA LEU A 22 1.56 -6.18 -0.88
C LEU A 22 0.29 -6.63 -0.16
N VAL A 23 -0.75 -5.81 -0.25
CA VAL A 23 -2.02 -6.12 0.38
C VAL A 23 -2.74 -7.27 -0.33
N ALA A 24 -2.82 -7.16 -1.66
CA ALA A 24 -3.48 -8.19 -2.46
C ALA A 24 -2.77 -9.53 -2.32
N GLU A 25 -1.44 -9.52 -2.41
CA GLU A 25 -0.65 -10.73 -2.28
C GLU A 25 -0.79 -11.33 -0.88
N ARG A 26 -1.10 -10.48 0.08
CA ARG A 26 -1.26 -10.92 1.47
C ARG A 26 -2.62 -11.58 1.67
N ALA A 27 -3.61 -11.16 0.88
CA ALA A 27 -4.95 -11.72 0.98
C ALA A 27 -5.10 -12.95 0.08
N GLU A 28 -3.98 -13.42 -0.46
CA GLU A 28 -3.99 -14.59 -1.32
C GLU A 28 -4.79 -14.32 -2.61
N LEU A 29 -4.55 -13.15 -3.20
CA LEU A 29 -5.24 -12.77 -4.43
C LEU A 29 -4.35 -11.90 -5.30
N PRO A 30 -4.69 -11.83 -6.60
CA PRO A 30 -3.93 -11.04 -7.57
C PRO A 30 -4.09 -9.54 -7.35
N VAL A 31 -3.02 -8.78 -7.57
CA VAL A 31 -3.04 -7.34 -7.39
C VAL A 31 -3.91 -6.67 -8.45
N GLU A 32 -4.30 -7.44 -9.47
CA GLU A 32 -5.14 -6.92 -10.54
C GLU A 32 -6.61 -6.92 -10.13
N VAL A 33 -6.94 -7.74 -9.14
CA VAL A 33 -8.31 -7.83 -8.66
C VAL A 33 -8.50 -7.04 -7.36
N LEU A 34 -7.40 -6.47 -6.87
CA LEU A 34 -7.44 -5.68 -5.64
C LEU A 34 -8.21 -4.38 -5.85
N ARG A 35 -9.30 -4.22 -5.11
CA ARG A 35 -10.12 -3.02 -5.22
C ARG A 35 -9.67 -1.96 -4.22
N ASP A 36 -10.00 -0.70 -4.51
CA ASP A 36 -9.63 0.40 -3.64
C ASP A 36 -10.51 0.44 -2.40
N ASP A 37 -11.62 -0.30 -2.44
CA ASP A 37 -12.55 -0.34 -1.33
C ASP A 37 -12.30 -1.57 -0.47
N SER A 38 -11.42 -2.45 -0.94
CA SER A 38 -11.09 -3.68 -0.21
C SER A 38 -10.47 -3.35 1.15
N ARG A 39 -11.24 -3.58 2.20
CA ARG A 39 -10.76 -3.32 3.57
C ARG A 39 -9.75 -4.37 4.00
N PHE A 40 -8.98 -4.05 5.03
CA PHE A 40 -7.97 -4.98 5.54
C PHE A 40 -8.59 -5.96 6.52
N LEU A 41 -9.89 -6.20 6.39
CA LEU A 41 -10.60 -7.12 7.27
C LEU A 41 -11.87 -7.62 6.60
N ASP A 42 -12.57 -6.72 5.91
CA ASP A 42 -13.82 -7.07 5.23
C ASP A 42 -13.56 -8.11 4.14
N ASP A 43 -12.67 -7.79 3.21
CA ASP A 43 -12.35 -8.70 2.13
C ASP A 43 -10.97 -9.32 2.33
N LEU A 44 -9.96 -8.47 2.46
CA LEU A 44 -8.59 -8.94 2.66
C LEU A 44 -8.49 -9.79 3.93
N HIS A 45 -9.38 -9.53 4.88
CA HIS A 45 -9.39 -10.28 6.13
C HIS A 45 -7.99 -10.33 6.74
N MET A 46 -7.55 -9.22 7.32
CA MET A 46 -6.24 -9.13 7.93
C MET A 46 -6.32 -8.51 9.32
N SER A 47 -6.04 -9.30 10.34
CA SER A 47 -6.09 -8.83 11.72
C SER A 47 -5.14 -7.64 11.92
N SER A 48 -5.39 -6.88 12.98
CA SER A 48 -4.56 -5.71 13.29
C SER A 48 -3.08 -6.07 13.22
N ILE A 49 -2.74 -7.25 13.71
CA ILE A 49 -1.36 -7.72 13.71
C ILE A 49 -0.92 -8.13 12.31
N THR A 50 -1.83 -8.75 11.57
CA THR A 50 -1.53 -9.21 10.22
C THR A 50 -1.27 -8.02 9.29
N VAL A 51 -2.03 -6.95 9.48
CA VAL A 51 -1.87 -5.75 8.67
C VAL A 51 -0.49 -5.13 8.86
N GLY A 52 -0.09 -4.97 10.13
CA GLY A 52 1.20 -4.39 10.43
C GLY A 52 2.36 -5.18 9.83
N GLN A 53 2.14 -6.48 9.64
CA GLN A 53 3.16 -7.35 9.07
C GLN A 53 3.49 -6.94 7.64
N LEU A 54 2.45 -6.73 6.84
CA LEU A 54 2.64 -6.33 5.45
C LEU A 54 2.87 -4.83 5.33
N VAL A 55 2.26 -4.07 6.25
CA VAL A 55 2.43 -2.62 6.25
C VAL A 55 3.89 -2.23 6.39
N ASN A 56 4.67 -3.08 7.05
CA ASN A 56 6.08 -2.81 7.25
C ASN A 56 6.85 -2.92 5.94
N GLU A 57 6.50 -3.92 5.13
CA GLU A 57 7.15 -4.13 3.85
C GLU A 57 6.96 -2.91 2.93
N ALA A 58 5.78 -2.30 3.02
CA ALA A 58 5.47 -1.13 2.20
C ALA A 58 6.38 0.04 2.55
N ALA A 59 6.45 0.36 3.84
CA ALA A 59 7.28 1.46 4.31
C ALA A 59 8.72 1.30 3.84
N ARG A 60 9.20 0.07 3.84
CA ARG A 60 10.57 -0.22 3.41
C ARG A 60 10.79 0.22 1.97
N ALA A 61 9.83 -0.08 1.11
CA ALA A 61 9.92 0.28 -0.31
C ALA A 61 9.80 1.79 -0.49
N MET A 62 8.89 2.40 0.26
CA MET A 62 8.68 3.84 0.17
C MET A 62 9.84 4.60 0.82
N GLY A 63 10.73 3.87 1.48
CA GLY A 63 11.87 4.48 2.12
C GLY A 63 11.48 5.27 3.36
N LEU A 64 10.68 4.64 4.23
CA LEU A 64 10.23 5.29 5.45
C LEU A 64 10.94 4.70 6.67
N SER A 65 10.40 4.97 7.86
CA SER A 65 10.97 4.46 9.09
C SER A 65 9.94 4.45 10.21
N ALA A 66 9.64 5.62 10.75
CA ALA A 66 8.66 5.75 11.82
C ALA A 66 7.24 5.69 11.27
N VAL A 67 7.11 5.82 9.96
CA VAL A 67 5.80 5.79 9.31
C VAL A 67 5.10 4.46 9.56
N ALA A 68 5.87 3.46 9.99
CA ALA A 68 5.32 2.13 10.26
C ALA A 68 4.00 2.24 11.00
N MET A 69 2.90 1.96 10.31
CA MET A 69 1.58 2.01 10.91
C MET A 69 1.22 3.44 11.31
N PRO A 70 0.78 4.24 10.33
CA PRO A 70 0.40 5.64 10.56
C PRO A 70 -0.88 5.77 11.39
N THR A 71 -1.72 4.74 11.33
CA THR A 71 -2.97 4.73 12.07
C THR A 71 -3.69 3.40 11.93
N ASN A 72 -4.78 3.23 12.67
CA ASN A 72 -5.56 1.99 12.63
C ASN A 72 -5.87 1.60 11.20
N PHE A 73 -5.82 0.29 10.93
CA PHE A 73 -6.09 -0.22 9.58
C PHE A 73 -7.27 -1.19 9.61
N ALA A 74 -7.57 -1.72 10.79
CA ALA A 74 -8.68 -2.66 10.95
C ALA A 74 -9.98 -2.07 10.40
N THR A 75 -10.02 -0.75 10.27
CA THR A 75 -11.20 -0.06 9.77
C THR A 75 -10.87 0.77 8.53
N ALA A 76 -9.67 0.58 8.00
CA ALA A 76 -9.23 1.31 6.82
C ALA A 76 -9.25 0.43 5.59
N THR A 77 -8.93 1.02 4.44
CA THR A 77 -8.91 0.28 3.18
C THR A 77 -7.57 0.41 2.49
N VAL A 78 -7.37 -0.38 1.44
CA VAL A 78 -6.11 -0.35 0.69
C VAL A 78 -5.78 1.06 0.22
N ARG A 79 -6.81 1.81 -0.14
CA ARG A 79 -6.63 3.18 -0.61
C ARG A 79 -6.13 4.08 0.53
N GLU A 80 -6.66 3.84 1.73
CA GLU A 80 -6.27 4.63 2.89
C GLU A 80 -4.80 4.41 3.23
N MET A 81 -4.40 3.15 3.29
CA MET A 81 -3.02 2.80 3.61
C MET A 81 -2.07 3.28 2.52
N ALA A 82 -2.50 3.14 1.27
CA ALA A 82 -1.69 3.56 0.14
C ALA A 82 -1.57 5.08 0.07
N GLU A 83 -2.71 5.76 0.17
CA GLU A 83 -2.73 7.21 0.12
C GLU A 83 -1.91 7.81 1.26
N ALA A 84 -1.95 7.16 2.41
CA ALA A 84 -1.20 7.62 3.58
C ALA A 84 0.31 7.51 3.35
N LEU A 85 0.74 6.39 2.77
CA LEU A 85 2.15 6.16 2.49
C LEU A 85 2.62 7.04 1.33
N GLU A 86 1.79 7.14 0.30
CA GLU A 86 2.12 7.94 -0.87
C GLU A 86 2.30 9.41 -0.49
N ALA A 87 1.57 9.84 0.53
CA ALA A 87 1.65 11.23 1.00
C ALA A 87 3.03 11.53 1.55
N ARG A 88 3.64 10.56 2.22
CA ARG A 88 4.96 10.73 2.80
C ARG A 88 5.99 11.06 1.72
N GLU A 89 6.14 10.15 0.76
CA GLU A 89 7.09 10.34 -0.32
C GLU A 89 6.71 11.54 -1.18
N ARG A 90 5.40 11.78 -1.30
CA ARG A 90 4.91 12.90 -2.09
C ARG A 90 5.39 14.23 -1.51
N GLU A 91 5.71 14.23 -0.23
CA GLU A 91 6.17 15.43 0.45
C GLU A 91 7.69 15.43 0.60
N ALA A 92 8.25 14.23 0.75
CA ALA A 92 9.70 14.08 0.90
C ALA A 92 10.44 14.80 -0.22
N PRO A 93 11.73 15.08 0.00
CA PRO A 93 12.58 15.75 -0.98
C PRO A 93 12.89 14.88 -2.19
N HIS A 94 12.52 13.60 -2.10
CA HIS A 94 12.74 12.66 -3.19
C HIS A 94 14.24 12.48 -3.44
N LEU A 95 14.77 11.35 -3.01
CA LEU A 95 16.19 11.05 -3.18
C LEU A 95 16.41 10.12 -4.37
N GLU A 96 17.66 9.76 -4.61
CA GLU A 96 18.01 8.87 -5.72
C GLU A 96 17.52 7.45 -5.46
N HIS A 97 16.89 6.85 -6.46
CA HIS A 97 16.38 5.48 -6.33
C HIS A 97 15.47 5.37 -5.11
N HIS A 98 14.20 5.69 -5.30
CA HIS A 98 13.23 5.62 -4.21
C HIS A 98 12.15 4.58 -4.51
N HIS A 99 11.85 4.40 -5.79
CA HIS A 99 10.84 3.44 -6.21
C HIS A 99 11.50 2.17 -6.75
N HIS A 100 10.80 1.05 -6.62
CA HIS A 100 11.32 -0.24 -7.09
C HIS A 100 10.86 -0.51 -8.52
N HIS A 101 9.55 -0.63 -8.71
CA HIS A 101 8.99 -0.90 -10.03
C HIS A 101 8.24 0.32 -10.55
N HIS A 102 7.90 0.30 -11.84
CA HIS A 102 7.16 1.40 -12.46
C HIS A 102 5.99 0.88 -13.29
N MET A 1 -10.24 -3.02 -24.34
CA MET A 1 -9.55 -4.30 -24.22
C MET A 1 -8.13 -4.21 -24.78
N ALA A 2 -7.16 -4.62 -23.99
CA ALA A 2 -5.75 -4.59 -24.41
C ALA A 2 -4.92 -5.57 -23.59
N ARG A 3 -3.64 -5.67 -23.94
CA ARG A 3 -2.73 -6.57 -23.24
C ARG A 3 -1.72 -5.79 -22.41
N ALA A 4 -2.10 -4.57 -22.02
CA ALA A 4 -1.22 -3.72 -21.22
C ALA A 4 -1.43 -3.97 -19.74
N ASP A 5 -2.61 -4.46 -19.38
CA ASP A 5 -2.93 -4.75 -17.99
C ASP A 5 -2.51 -6.17 -17.61
N ASP A 6 -1.22 -6.44 -17.65
CA ASP A 6 -0.70 -7.76 -17.33
C ASP A 6 -1.03 -8.13 -15.89
N THR A 7 -0.42 -9.21 -15.41
CA THR A 7 -0.66 -9.67 -14.04
C THR A 7 -0.50 -8.54 -13.03
N ALA A 8 0.74 -8.08 -12.85
CA ALA A 8 1.02 -6.99 -11.92
C ALA A 8 0.11 -5.80 -12.18
N LEU A 9 0.06 -4.88 -11.23
CA LEU A 9 -0.77 -3.68 -11.35
C LEU A 9 -0.25 -2.78 -12.46
N PRO A 10 -1.13 -2.48 -13.44
CA PRO A 10 -0.78 -1.62 -14.58
C PRO A 10 -0.58 -0.17 -14.17
N ALA A 11 -0.91 0.14 -12.91
CA ALA A 11 -0.77 1.50 -12.39
C ALA A 11 0.70 1.86 -12.20
N ALA A 12 1.13 2.92 -12.88
CA ALA A 12 2.52 3.37 -12.78
C ALA A 12 2.73 4.24 -11.55
N THR A 13 1.65 4.46 -10.80
CA THR A 13 1.72 5.28 -9.60
C THR A 13 2.91 4.87 -8.72
N GLY A 14 3.15 3.56 -8.62
CA GLY A 14 4.25 3.07 -7.81
C GLY A 14 3.88 2.92 -6.35
N ALA A 15 3.72 4.05 -5.66
CA ALA A 15 3.36 4.03 -4.24
C ALA A 15 2.04 3.33 -4.03
N LEU A 16 1.00 3.80 -4.72
CA LEU A 16 -0.33 3.21 -4.60
C LEU A 16 -0.32 1.73 -4.98
N GLU A 17 0.46 1.40 -6.01
CA GLU A 17 0.56 0.03 -6.47
C GLU A 17 1.32 -0.84 -5.46
N LEU A 18 2.28 -0.22 -4.78
CA LEU A 18 3.09 -0.92 -3.78
C LEU A 18 2.21 -1.44 -2.65
N VAL A 19 1.43 -0.55 -2.05
CA VAL A 19 0.55 -0.92 -0.95
C VAL A 19 -0.51 -1.93 -1.41
N ARG A 20 -1.22 -1.59 -2.47
CA ARG A 20 -2.25 -2.47 -3.01
C ARG A 20 -1.68 -3.85 -3.34
N HIS A 21 -0.47 -3.86 -3.88
CA HIS A 21 0.19 -5.11 -4.24
C HIS A 21 0.47 -5.95 -2.99
N LEU A 22 1.08 -5.35 -1.99
CA LEU A 22 1.41 -6.03 -0.74
C LEU A 22 0.15 -6.62 -0.11
N VAL A 23 -0.93 -5.86 -0.13
CA VAL A 23 -2.20 -6.30 0.44
C VAL A 23 -2.78 -7.47 -0.36
N ALA A 24 -2.84 -7.31 -1.68
CA ALA A 24 -3.37 -8.36 -2.54
C ALA A 24 -2.62 -9.66 -2.35
N GLU A 25 -1.29 -9.59 -2.38
CA GLU A 25 -0.45 -10.77 -2.21
C GLU A 25 -0.62 -11.36 -0.81
N ARG A 26 -0.96 -10.51 0.14
CA ARG A 26 -1.15 -10.94 1.52
C ARG A 26 -2.52 -11.61 1.70
N ALA A 27 -3.40 -11.38 0.74
CA ALA A 27 -4.74 -11.94 0.79
C ALA A 27 -4.85 -13.19 -0.10
N GLU A 28 -3.70 -13.66 -0.59
CA GLU A 28 -3.67 -14.84 -1.45
C GLU A 28 -4.37 -14.56 -2.78
N LEU A 29 -4.22 -13.34 -3.28
CA LEU A 29 -4.85 -12.96 -4.54
C LEU A 29 -3.98 -11.95 -5.29
N PRO A 30 -4.21 -11.83 -6.60
CA PRO A 30 -3.46 -10.91 -7.47
C PRO A 30 -3.80 -9.44 -7.17
N VAL A 31 -2.89 -8.55 -7.52
CA VAL A 31 -3.09 -7.12 -7.31
C VAL A 31 -4.08 -6.54 -8.31
N GLU A 32 -4.49 -7.37 -9.27
CA GLU A 32 -5.44 -6.94 -10.30
C GLU A 32 -6.87 -7.03 -9.78
N VAL A 33 -7.09 -7.91 -8.81
CA VAL A 33 -8.42 -8.09 -8.24
C VAL A 33 -8.61 -7.21 -7.01
N LEU A 34 -7.53 -6.57 -6.57
CA LEU A 34 -7.58 -5.70 -5.40
C LEU A 34 -8.37 -4.43 -5.71
N ARG A 35 -9.35 -4.13 -4.86
CA ARG A 35 -10.18 -2.94 -5.05
C ARG A 35 -9.77 -1.84 -4.07
N ASP A 36 -10.06 -0.60 -4.43
CA ASP A 36 -9.74 0.53 -3.58
C ASP A 36 -10.67 0.61 -2.38
N ASP A 37 -11.77 -0.14 -2.44
CA ASP A 37 -12.74 -0.17 -1.35
C ASP A 37 -12.55 -1.40 -0.49
N SER A 38 -11.67 -2.29 -0.92
CA SER A 38 -11.39 -3.52 -0.18
C SER A 38 -10.76 -3.22 1.17
N ARG A 39 -11.49 -3.50 2.24
CA ARG A 39 -11.00 -3.25 3.59
C ARG A 39 -10.03 -4.34 4.02
N PHE A 40 -9.17 -4.01 4.99
CA PHE A 40 -8.19 -4.96 5.48
C PHE A 40 -8.82 -5.95 6.44
N LEU A 41 -10.13 -6.12 6.34
CA LEU A 41 -10.87 -7.04 7.19
C LEU A 41 -12.20 -7.44 6.57
N ASP A 42 -12.87 -6.47 5.95
CA ASP A 42 -14.15 -6.72 5.30
C ASP A 42 -14.01 -7.81 4.24
N ASP A 43 -13.08 -7.63 3.32
CA ASP A 43 -12.85 -8.60 2.26
C ASP A 43 -11.45 -9.21 2.37
N LEU A 44 -10.45 -8.35 2.46
CA LEU A 44 -9.06 -8.80 2.58
C LEU A 44 -8.86 -9.67 3.81
N HIS A 45 -9.72 -9.47 4.81
CA HIS A 45 -9.65 -10.23 6.06
C HIS A 45 -8.23 -10.28 6.57
N MET A 46 -7.82 -9.23 7.27
CA MET A 46 -6.47 -9.14 7.83
C MET A 46 -6.50 -8.57 9.24
N SER A 47 -6.08 -9.38 10.21
CA SER A 47 -6.06 -8.95 11.60
C SER A 47 -5.13 -7.75 11.80
N SER A 48 -5.39 -6.97 12.84
CA SER A 48 -4.58 -5.80 13.13
C SER A 48 -3.09 -6.14 13.09
N ILE A 49 -2.75 -7.32 13.58
CA ILE A 49 -1.36 -7.77 13.59
C ILE A 49 -0.89 -8.15 12.20
N THR A 50 -1.75 -8.83 11.45
CA THR A 50 -1.42 -9.25 10.10
C THR A 50 -1.14 -8.05 9.20
N VAL A 51 -1.87 -6.96 9.43
CA VAL A 51 -1.70 -5.75 8.64
C VAL A 51 -0.32 -5.13 8.88
N GLY A 52 0.03 -4.95 10.15
CA GLY A 52 1.31 -4.37 10.48
C GLY A 52 2.48 -5.16 9.90
N GLN A 53 2.27 -6.45 9.71
CA GLN A 53 3.31 -7.32 9.16
C GLN A 53 3.68 -6.89 7.74
N LEU A 54 2.66 -6.66 6.92
CA LEU A 54 2.88 -6.24 5.54
C LEU A 54 3.15 -4.74 5.46
N VAL A 55 2.52 -3.99 6.35
CA VAL A 55 2.68 -2.54 6.39
C VAL A 55 4.16 -2.15 6.51
N ASN A 56 4.92 -2.97 7.23
CA ASN A 56 6.34 -2.72 7.43
C ASN A 56 7.10 -2.87 6.12
N GLU A 57 6.66 -3.80 5.28
CA GLU A 57 7.31 -4.04 4.00
C GLU A 57 7.04 -2.89 3.03
N ALA A 58 5.85 -2.30 3.13
CA ALA A 58 5.47 -1.19 2.27
C ALA A 58 6.35 0.02 2.51
N ALA A 59 6.48 0.41 3.77
CA ALA A 59 7.31 1.55 4.13
C ALA A 59 8.76 1.33 3.76
N ARG A 60 9.22 0.08 3.89
CA ARG A 60 10.60 -0.26 3.57
C ARG A 60 10.90 0.03 2.10
N ALA A 61 9.97 -0.32 1.22
CA ALA A 61 10.14 -0.10 -0.21
C ALA A 61 10.09 1.39 -0.54
N MET A 62 9.20 2.11 0.14
CA MET A 62 9.05 3.54 -0.08
C MET A 62 10.24 4.31 0.48
N GLY A 63 10.93 3.69 1.44
CA GLY A 63 12.09 4.33 2.04
C GLY A 63 11.76 5.01 3.35
N LEU A 64 10.58 4.70 3.90
CA LEU A 64 10.14 5.29 5.16
C LEU A 64 10.89 4.68 6.35
N SER A 65 10.38 4.92 7.55
CA SER A 65 10.99 4.39 8.76
C SER A 65 9.99 4.33 9.90
N ALA A 66 9.71 5.48 10.50
CA ALA A 66 8.77 5.56 11.60
C ALA A 66 7.33 5.54 11.10
N VAL A 67 7.17 5.73 9.79
CA VAL A 67 5.85 5.73 9.18
C VAL A 67 5.13 4.40 9.40
N ALA A 68 5.90 3.38 9.76
CA ALA A 68 5.34 2.05 10.00
C ALA A 68 4.02 2.15 10.75
N MET A 69 2.93 1.88 10.05
CA MET A 69 1.59 1.93 10.65
C MET A 69 1.25 3.35 11.09
N PRO A 70 0.77 4.16 10.14
CA PRO A 70 0.39 5.56 10.40
C PRO A 70 -0.86 5.66 11.26
N THR A 71 -1.69 4.62 11.22
CA THR A 71 -2.92 4.60 12.00
C THR A 71 -3.64 3.26 11.86
N ASN A 72 -4.69 3.08 12.65
CA ASN A 72 -5.47 1.84 12.61
C ASN A 72 -5.83 1.47 11.17
N PHE A 73 -5.75 0.18 10.86
CA PHE A 73 -6.08 -0.31 9.53
C PHE A 73 -7.26 -1.27 9.56
N ALA A 74 -7.55 -1.80 10.75
CA ALA A 74 -8.66 -2.73 10.93
C ALA A 74 -9.96 -2.13 10.41
N THR A 75 -9.99 -0.81 10.26
CA THR A 75 -11.19 -0.12 9.78
C THR A 75 -10.86 0.73 8.56
N ALA A 76 -9.67 0.54 8.01
CA ALA A 76 -9.24 1.30 6.84
C ALA A 76 -9.25 0.43 5.59
N THR A 77 -9.04 1.05 4.43
CA THR A 77 -9.02 0.34 3.17
C THR A 77 -7.67 0.45 2.48
N VAL A 78 -7.46 -0.36 1.45
CA VAL A 78 -6.20 -0.34 0.71
C VAL A 78 -5.87 1.07 0.23
N ARG A 79 -6.89 1.82 -0.15
CA ARG A 79 -6.71 3.18 -0.62
C ARG A 79 -6.16 4.08 0.49
N GLU A 80 -6.68 3.89 1.70
CA GLU A 80 -6.24 4.68 2.84
C GLU A 80 -4.77 4.42 3.16
N MET A 81 -4.40 3.14 3.22
CA MET A 81 -3.03 2.76 3.52
C MET A 81 -2.09 3.22 2.42
N ALA A 82 -2.52 3.06 1.18
CA ALA A 82 -1.70 3.46 0.03
C ALA A 82 -1.58 4.98 -0.04
N GLU A 83 -2.70 5.67 0.02
CA GLU A 83 -2.71 7.13 -0.03
C GLU A 83 -1.92 7.72 1.13
N ALA A 84 -1.99 7.07 2.28
CA ALA A 84 -1.29 7.54 3.47
C ALA A 84 0.22 7.51 3.25
N LEU A 85 0.72 6.41 2.70
CA LEU A 85 2.15 6.26 2.44
C LEU A 85 2.58 7.17 1.29
N GLU A 86 1.80 7.17 0.22
CA GLU A 86 2.11 7.98 -0.96
C GLU A 86 2.12 9.46 -0.59
N ALA A 87 1.25 9.84 0.34
CA ALA A 87 1.16 11.24 0.78
C ALA A 87 2.44 11.67 1.49
N ARG A 88 3.02 10.76 2.26
CA ARG A 88 4.25 11.05 3.00
C ARG A 88 5.40 11.33 2.04
N GLU A 89 5.65 10.39 1.14
CA GLU A 89 6.73 10.52 0.16
C GLU A 89 6.43 11.66 -0.81
N ARG A 90 5.16 11.87 -1.10
CA ARG A 90 4.75 12.93 -2.02
C ARG A 90 5.17 14.30 -1.49
N GLU A 91 5.36 14.39 -0.18
CA GLU A 91 5.76 15.63 0.45
C GLU A 91 7.25 15.63 0.80
N ALA A 92 7.78 14.44 1.03
CA ALA A 92 9.19 14.29 1.37
C ALA A 92 10.08 15.00 0.35
N PRO A 93 11.33 15.28 0.75
CA PRO A 93 12.30 15.97 -0.11
C PRO A 93 12.76 15.08 -1.26
N HIS A 94 12.16 15.29 -2.43
CA HIS A 94 12.50 14.51 -3.62
C HIS A 94 12.02 15.21 -4.88
N LEU A 95 12.48 14.73 -6.04
CA LEU A 95 12.09 15.30 -7.32
C LEU A 95 10.57 15.32 -7.47
N GLU A 96 10.00 16.53 -7.45
CA GLU A 96 8.56 16.68 -7.58
C GLU A 96 8.21 17.89 -8.44
N HIS A 97 6.92 18.14 -8.62
CA HIS A 97 6.47 19.28 -9.42
C HIS A 97 6.39 20.54 -8.58
N HIS A 98 6.03 21.66 -9.21
CA HIS A 98 5.92 22.93 -8.52
C HIS A 98 4.50 23.50 -8.65
N HIS A 99 4.29 24.67 -8.06
CA HIS A 99 2.98 25.32 -8.11
C HIS A 99 3.03 26.58 -8.98
N HIS A 100 2.08 26.70 -9.89
CA HIS A 100 2.01 27.86 -10.78
C HIS A 100 0.60 28.43 -10.82
N HIS A 101 0.51 29.76 -10.92
CA HIS A 101 -0.78 30.44 -10.97
C HIS A 101 -1.56 30.22 -9.68
N HIS A 102 -1.55 31.22 -8.81
CA HIS A 102 -2.26 31.13 -7.54
C HIS A 102 -3.59 31.87 -7.60
N MET A 1 -16.04 -4.71 -10.47
CA MET A 1 -16.04 -3.27 -10.33
C MET A 1 -14.75 -2.67 -10.89
N ALA A 2 -14.85 -2.10 -12.09
CA ALA A 2 -13.70 -1.49 -12.74
C ALA A 2 -12.62 -2.53 -13.04
N ARG A 3 -12.73 -3.17 -14.20
CA ARG A 3 -11.77 -4.19 -14.60
C ARG A 3 -10.58 -3.56 -15.33
N ALA A 4 -9.93 -2.61 -14.66
CA ALA A 4 -8.78 -1.93 -15.24
C ALA A 4 -7.49 -2.73 -15.00
N ASP A 5 -7.48 -3.52 -13.93
CA ASP A 5 -6.33 -4.33 -13.59
C ASP A 5 -5.88 -5.18 -14.79
N ASP A 6 -6.64 -6.23 -15.08
CA ASP A 6 -6.33 -7.11 -16.19
C ASP A 6 -4.87 -7.58 -16.12
N THR A 7 -4.55 -8.37 -15.12
CA THR A 7 -3.20 -8.89 -14.93
C THR A 7 -2.19 -7.76 -14.88
N ALA A 8 -0.91 -8.11 -14.72
CA ALA A 8 0.15 -7.12 -14.66
C ALA A 8 -0.18 -6.02 -13.65
N LEU A 9 0.60 -4.94 -13.67
CA LEU A 9 0.40 -3.82 -12.76
C LEU A 9 -0.94 -3.14 -13.04
N PRO A 10 -1.79 -3.05 -12.00
CA PRO A 10 -3.10 -2.41 -12.11
C PRO A 10 -3.01 -0.90 -12.28
N ALA A 11 -1.99 -0.30 -11.66
CA ALA A 11 -1.78 1.14 -11.74
C ALA A 11 -0.30 1.48 -11.65
N ALA A 12 0.14 2.39 -12.52
CA ALA A 12 1.53 2.81 -12.54
C ALA A 12 1.80 3.88 -11.50
N THR A 13 0.76 4.26 -10.75
CA THR A 13 0.88 5.27 -9.72
C THR A 13 2.15 5.07 -8.90
N GLY A 14 2.49 3.82 -8.62
CA GLY A 14 3.68 3.52 -7.85
C GLY A 14 3.38 3.33 -6.38
N ALA A 15 3.20 4.44 -5.66
CA ALA A 15 2.90 4.39 -4.23
C ALA A 15 1.56 3.74 -3.98
N LEU A 16 0.57 4.05 -4.83
CA LEU A 16 -0.76 3.49 -4.69
C LEU A 16 -0.78 2.01 -5.02
N GLU A 17 -0.10 1.64 -6.10
CA GLU A 17 -0.02 0.25 -6.53
C GLU A 17 0.83 -0.57 -5.57
N LEU A 18 1.86 0.07 -5.02
CA LEU A 18 2.76 -0.60 -4.09
C LEU A 18 2.00 -1.17 -2.90
N VAL A 19 1.19 -0.33 -2.27
CA VAL A 19 0.40 -0.74 -1.11
C VAL A 19 -0.60 -1.82 -1.50
N ARG A 20 -1.43 -1.52 -2.50
CA ARG A 20 -2.44 -2.45 -2.97
C ARG A 20 -1.80 -3.79 -3.35
N HIS A 21 -0.63 -3.71 -3.98
CA HIS A 21 0.08 -4.91 -4.41
C HIS A 21 0.45 -5.78 -3.21
N LEU A 22 1.21 -5.21 -2.29
CA LEU A 22 1.64 -5.93 -1.10
C LEU A 22 0.43 -6.48 -0.33
N VAL A 23 -0.61 -5.68 -0.22
CA VAL A 23 -1.82 -6.08 0.48
C VAL A 23 -2.47 -7.29 -0.20
N ALA A 24 -2.56 -7.24 -1.52
CA ALA A 24 -3.15 -8.32 -2.30
C ALA A 24 -2.35 -9.61 -2.14
N GLU A 25 -1.04 -9.51 -2.31
CA GLU A 25 -0.15 -10.66 -2.18
C GLU A 25 -0.29 -11.29 -0.80
N ARG A 26 -0.66 -10.49 0.19
CA ARG A 26 -0.82 -10.96 1.56
C ARG A 26 -2.13 -11.70 1.73
N ALA A 27 -3.06 -11.48 0.79
CA ALA A 27 -4.36 -12.13 0.84
C ALA A 27 -4.42 -13.32 -0.12
N GLU A 28 -3.28 -13.63 -0.74
CA GLU A 28 -3.21 -14.74 -1.68
C GLU A 28 -4.10 -14.48 -2.89
N LEU A 29 -3.74 -13.45 -3.67
CA LEU A 29 -4.52 -13.10 -4.85
C LEU A 29 -3.59 -12.59 -5.96
N PRO A 30 -4.09 -12.62 -7.20
CA PRO A 30 -3.33 -12.16 -8.37
C PRO A 30 -3.14 -10.65 -8.38
N VAL A 31 -3.63 -9.99 -7.33
CA VAL A 31 -3.51 -8.54 -7.23
C VAL A 31 -4.52 -7.84 -8.12
N GLU A 32 -4.67 -8.34 -9.34
CA GLU A 32 -5.60 -7.77 -10.30
C GLU A 32 -7.03 -7.78 -9.74
N VAL A 33 -7.26 -8.61 -8.74
CA VAL A 33 -8.57 -8.71 -8.11
C VAL A 33 -8.69 -7.76 -6.93
N LEU A 34 -7.56 -7.18 -6.52
CA LEU A 34 -7.55 -6.25 -5.39
C LEU A 34 -8.29 -4.96 -5.74
N ARG A 35 -9.32 -4.65 -4.96
CA ARG A 35 -10.12 -3.44 -5.18
C ARG A 35 -9.57 -2.28 -4.38
N ASP A 36 -9.85 -1.07 -4.83
CA ASP A 36 -9.40 0.14 -4.16
C ASP A 36 -10.19 0.39 -2.89
N ASP A 37 -11.33 -0.29 -2.76
CA ASP A 37 -12.19 -0.14 -1.59
C ASP A 37 -12.17 -1.40 -0.74
N SER A 38 -11.16 -2.23 -0.95
CA SER A 38 -11.03 -3.48 -0.20
C SER A 38 -10.48 -3.22 1.21
N ARG A 39 -11.33 -3.39 2.21
CA ARG A 39 -10.93 -3.16 3.60
C ARG A 39 -9.90 -4.20 4.03
N PHE A 40 -9.12 -3.85 5.05
CA PHE A 40 -8.08 -4.75 5.56
C PHE A 40 -8.68 -5.75 6.54
N LEU A 41 -9.98 -6.00 6.41
CA LEU A 41 -10.67 -6.95 7.28
C LEU A 41 -11.94 -7.47 6.61
N ASP A 42 -12.64 -6.60 5.92
CA ASP A 42 -13.87 -6.98 5.22
C ASP A 42 -13.57 -7.97 4.09
N ASP A 43 -12.72 -7.55 3.17
CA ASP A 43 -12.35 -8.40 2.04
C ASP A 43 -10.98 -9.02 2.25
N LEU A 44 -9.97 -8.17 2.48
CA LEU A 44 -8.61 -8.65 2.70
C LEU A 44 -8.53 -9.52 3.94
N HIS A 45 -9.44 -9.30 4.88
CA HIS A 45 -9.49 -10.07 6.12
C HIS A 45 -8.10 -10.14 6.76
N MET A 46 -7.61 -9.00 7.23
CA MET A 46 -6.30 -8.93 7.86
C MET A 46 -6.39 -8.26 9.23
N SER A 47 -6.27 -9.07 10.28
CA SER A 47 -6.34 -8.55 11.64
C SER A 47 -5.31 -7.45 11.86
N SER A 48 -5.50 -6.66 12.92
CA SER A 48 -4.59 -5.57 13.24
C SER A 48 -3.15 -6.05 13.19
N ILE A 49 -2.93 -7.31 13.54
CA ILE A 49 -1.59 -7.89 13.55
C ILE A 49 -1.13 -8.20 12.12
N THR A 50 -2.01 -8.83 11.35
CA THR A 50 -1.69 -9.18 9.97
C THR A 50 -1.39 -7.95 9.14
N VAL A 51 -2.11 -6.86 9.40
CA VAL A 51 -1.91 -5.62 8.69
C VAL A 51 -0.51 -5.05 8.93
N GLY A 52 -0.14 -4.96 10.20
CA GLY A 52 1.16 -4.44 10.56
C GLY A 52 2.30 -5.21 9.91
N GLN A 53 2.05 -6.49 9.64
CA GLN A 53 3.06 -7.35 9.02
C GLN A 53 3.35 -6.89 7.59
N LEU A 54 2.29 -6.62 6.84
CA LEU A 54 2.42 -6.19 5.45
C LEU A 54 2.75 -4.70 5.39
N VAL A 55 2.23 -3.93 6.33
CA VAL A 55 2.46 -2.50 6.39
C VAL A 55 3.95 -2.19 6.47
N ASN A 56 4.70 -3.06 7.13
CA ASN A 56 6.14 -2.89 7.28
C ASN A 56 6.84 -2.99 5.93
N GLU A 57 6.32 -3.85 5.06
CA GLU A 57 6.90 -4.04 3.74
C GLU A 57 6.66 -2.82 2.86
N ALA A 58 5.50 -2.19 3.02
CA ALA A 58 5.16 -1.01 2.25
C ALA A 58 6.04 0.18 2.62
N ALA A 59 6.10 0.47 3.91
CA ALA A 59 6.90 1.59 4.41
C ALA A 59 8.35 1.46 3.95
N ARG A 60 8.91 0.26 4.09
CA ARG A 60 10.29 0.00 3.70
C ARG A 60 10.49 0.31 2.22
N ALA A 61 9.49 0.01 1.42
CA ALA A 61 9.55 0.25 -0.03
C ALA A 61 9.54 1.74 -0.33
N MET A 62 8.67 2.48 0.37
CA MET A 62 8.56 3.92 0.18
C MET A 62 9.78 4.64 0.74
N GLY A 63 10.59 3.92 1.50
CA GLY A 63 11.77 4.51 2.08
C GLY A 63 11.55 4.97 3.51
N LEU A 64 10.44 4.56 4.10
CA LEU A 64 10.10 4.93 5.47
C LEU A 64 10.90 4.11 6.48
N SER A 65 10.52 4.19 7.74
CA SER A 65 11.19 3.44 8.80
C SER A 65 10.31 3.35 10.05
N ALA A 66 10.20 4.45 10.78
CA ALA A 66 9.39 4.49 11.98
C ALA A 66 7.92 4.70 11.65
N VAL A 67 7.64 5.06 10.40
CA VAL A 67 6.27 5.29 9.95
C VAL A 67 5.43 4.03 10.06
N ALA A 68 6.09 2.90 10.26
CA ALA A 68 5.41 1.62 10.40
C ALA A 68 4.06 1.79 11.08
N MET A 69 2.99 1.64 10.30
CA MET A 69 1.64 1.78 10.84
C MET A 69 1.37 3.22 11.27
N PRO A 70 0.97 4.07 10.31
CA PRO A 70 0.67 5.48 10.57
C PRO A 70 -0.60 5.66 11.40
N THR A 71 -1.48 4.66 11.35
CA THR A 71 -2.73 4.71 12.09
C THR A 71 -3.51 3.41 11.95
N ASN A 72 -4.60 3.29 12.70
CA ASN A 72 -5.43 2.09 12.66
C ASN A 72 -5.78 1.73 11.22
N PHE A 73 -5.78 0.43 10.93
CA PHE A 73 -6.09 -0.06 9.59
C PHE A 73 -7.30 -0.99 9.62
N ALA A 74 -7.61 -1.51 10.81
CA ALA A 74 -8.74 -2.41 10.97
C ALA A 74 -10.03 -1.79 10.42
N THR A 75 -10.03 -0.47 10.31
CA THR A 75 -11.20 0.25 9.81
C THR A 75 -10.85 1.08 8.58
N ALA A 76 -9.66 0.85 8.04
CA ALA A 76 -9.21 1.57 6.85
C ALA A 76 -9.21 0.67 5.62
N THR A 77 -9.00 1.27 4.46
CA THR A 77 -8.98 0.52 3.20
C THR A 77 -7.64 0.67 2.50
N VAL A 78 -7.45 -0.11 1.43
CA VAL A 78 -6.21 -0.06 0.66
C VAL A 78 -5.89 1.37 0.23
N ARG A 79 -6.93 2.14 -0.09
CA ARG A 79 -6.76 3.53 -0.52
C ARG A 79 -6.22 4.38 0.62
N GLU A 80 -6.70 4.12 1.83
CA GLU A 80 -6.27 4.87 3.00
C GLU A 80 -4.79 4.60 3.30
N MET A 81 -4.43 3.33 3.33
CA MET A 81 -3.04 2.94 3.62
C MET A 81 -2.12 3.43 2.51
N ALA A 82 -2.56 3.29 1.26
CA ALA A 82 -1.76 3.71 0.12
C ALA A 82 -1.64 5.23 0.07
N GLU A 83 -2.77 5.91 0.27
CA GLU A 83 -2.78 7.37 0.25
C GLU A 83 -1.86 7.94 1.32
N ALA A 84 -1.90 7.35 2.51
CA ALA A 84 -1.08 7.80 3.61
C ALA A 84 0.40 7.68 3.28
N LEU A 85 0.78 6.56 2.67
CA LEU A 85 2.17 6.32 2.30
C LEU A 85 2.58 7.22 1.13
N GLU A 86 1.72 7.32 0.13
CA GLU A 86 2.00 8.15 -1.04
C GLU A 86 2.15 9.61 -0.64
N ALA A 87 1.41 10.03 0.39
CA ALA A 87 1.46 11.41 0.86
C ALA A 87 2.82 11.72 1.47
N ARG A 88 3.39 10.75 2.16
CA ARG A 88 4.69 10.92 2.80
C ARG A 88 5.77 11.23 1.76
N GLU A 89 5.90 10.35 0.78
CA GLU A 89 6.90 10.54 -0.27
C GLU A 89 6.54 11.73 -1.15
N ARG A 90 5.25 11.96 -1.33
CA ARG A 90 4.78 13.07 -2.15
C ARG A 90 5.24 14.41 -1.58
N GLU A 91 5.37 14.46 -0.25
CA GLU A 91 5.82 15.69 0.42
C GLU A 91 7.12 15.44 1.18
N ALA A 92 7.91 14.51 0.70
CA ALA A 92 9.19 14.18 1.35
C ALA A 92 10.21 15.28 1.11
N PRO A 93 11.25 15.31 1.96
CA PRO A 93 12.32 16.31 1.87
C PRO A 93 13.21 16.10 0.64
N HIS A 94 13.93 17.14 0.26
CA HIS A 94 14.82 17.07 -0.90
C HIS A 94 14.04 16.72 -2.15
N LEU A 95 13.26 17.68 -2.65
CA LEU A 95 12.46 17.47 -3.86
C LEU A 95 13.12 18.11 -5.07
N GLU A 96 12.48 17.98 -6.23
CA GLU A 96 13.01 18.54 -7.47
C GLU A 96 12.17 19.72 -7.94
N HIS A 97 12.59 20.93 -7.61
CA HIS A 97 11.87 22.13 -7.99
C HIS A 97 12.83 23.19 -8.54
N HIS A 98 12.29 24.36 -8.85
CA HIS A 98 13.10 25.45 -9.37
C HIS A 98 12.76 26.77 -8.68
N HIS A 99 13.44 27.05 -7.58
CA HIS A 99 13.20 28.27 -6.82
C HIS A 99 14.45 28.66 -6.02
N HIS A 100 14.54 29.94 -5.65
CA HIS A 100 15.67 30.44 -4.89
C HIS A 100 15.32 30.56 -3.41
N HIS A 101 14.39 29.72 -2.96
CA HIS A 101 13.96 29.72 -1.56
C HIS A 101 14.20 28.37 -0.92
N HIS A 102 13.97 28.29 0.40
CA HIS A 102 14.17 27.05 1.14
C HIS A 102 15.59 26.53 0.95
N MET A 1 -13.38 -2.45 -13.77
CA MET A 1 -13.72 -2.93 -15.10
C MET A 1 -12.73 -2.40 -16.14
N ALA A 2 -11.64 -3.14 -16.35
CA ALA A 2 -10.62 -2.74 -17.30
C ALA A 2 -9.62 -3.87 -17.54
N ARG A 3 -8.53 -3.56 -18.23
CA ARG A 3 -7.50 -4.55 -18.53
C ARG A 3 -6.12 -3.93 -18.50
N ALA A 4 -5.99 -2.83 -17.74
CA ALA A 4 -4.71 -2.13 -17.62
C ALA A 4 -3.88 -2.71 -16.48
N ASP A 5 -4.56 -3.29 -15.49
CA ASP A 5 -3.88 -3.88 -14.34
C ASP A 5 -3.85 -5.39 -14.45
N ASP A 6 -4.15 -5.90 -15.64
CA ASP A 6 -4.16 -7.34 -15.87
C ASP A 6 -2.76 -7.93 -15.70
N THR A 7 -2.45 -8.38 -14.48
CA THR A 7 -1.15 -8.96 -14.19
C THR A 7 -0.03 -8.00 -14.55
N ALA A 8 1.22 -8.42 -14.29
CA ALA A 8 2.38 -7.60 -14.58
C ALA A 8 2.20 -6.18 -14.04
N LEU A 9 3.06 -5.27 -14.47
CA LEU A 9 3.01 -3.89 -14.02
C LEU A 9 1.72 -3.21 -14.49
N PRO A 10 0.95 -2.69 -13.54
CA PRO A 10 -0.32 -2.01 -13.83
C PRO A 10 -0.11 -0.67 -14.53
N ALA A 11 0.78 0.14 -13.97
CA ALA A 11 1.07 1.46 -14.54
C ALA A 11 2.12 2.18 -13.71
N ALA A 12 2.21 3.50 -13.90
CA ALA A 12 3.17 4.31 -13.17
C ALA A 12 2.71 4.54 -11.73
N THR A 13 1.56 3.99 -11.39
CA THR A 13 1.00 4.13 -10.04
C THR A 13 2.11 4.37 -9.03
N GLY A 14 2.91 3.34 -8.77
CA GLY A 14 4.00 3.47 -7.81
C GLY A 14 3.56 3.16 -6.40
N ALA A 15 3.31 4.20 -5.61
CA ALA A 15 2.89 4.04 -4.23
C ALA A 15 1.55 3.31 -4.15
N LEU A 16 0.63 3.69 -5.03
CA LEU A 16 -0.70 3.09 -5.06
C LEU A 16 -0.60 1.60 -5.36
N GLU A 17 0.19 1.24 -6.36
CA GLU A 17 0.37 -0.16 -6.74
C GLU A 17 1.18 -0.90 -5.69
N LEU A 18 2.11 -0.20 -5.06
CA LEU A 18 2.96 -0.80 -4.03
C LEU A 18 2.11 -1.37 -2.90
N VAL A 19 1.24 -0.54 -2.35
CA VAL A 19 0.37 -0.96 -1.26
C VAL A 19 -0.61 -2.04 -1.71
N ARG A 20 -1.33 -1.75 -2.79
CA ARG A 20 -2.30 -2.69 -3.33
C ARG A 20 -1.66 -4.05 -3.61
N HIS A 21 -0.43 -4.01 -4.12
CA HIS A 21 0.31 -5.23 -4.43
C HIS A 21 0.62 -6.01 -3.16
N LEU A 22 1.22 -5.34 -2.19
CA LEU A 22 1.58 -5.97 -0.92
C LEU A 22 0.34 -6.50 -0.20
N VAL A 23 -0.75 -5.73 -0.26
CA VAL A 23 -2.00 -6.13 0.38
C VAL A 23 -2.65 -7.29 -0.36
N ALA A 24 -2.75 -7.16 -1.68
CA ALA A 24 -3.35 -8.20 -2.50
C ALA A 24 -2.60 -9.52 -2.35
N GLU A 25 -1.28 -9.46 -2.44
CA GLU A 25 -0.44 -10.65 -2.33
C GLU A 25 -0.54 -11.24 -0.92
N ARG A 26 -0.82 -10.39 0.06
CA ARG A 26 -0.95 -10.83 1.44
C ARG A 26 -2.30 -11.48 1.68
N ALA A 27 -3.29 -11.10 0.88
CA ALA A 27 -4.63 -11.65 1.01
C ALA A 27 -4.80 -12.90 0.16
N GLU A 28 -3.69 -13.41 -0.37
CA GLU A 28 -3.70 -14.60 -1.20
C GLU A 28 -4.50 -14.38 -2.48
N LEU A 29 -4.31 -13.20 -3.08
CA LEU A 29 -5.01 -12.86 -4.31
C LEU A 29 -4.14 -11.98 -5.20
N PRO A 30 -4.46 -11.96 -6.51
CA PRO A 30 -3.72 -11.15 -7.49
C PRO A 30 -3.96 -9.65 -7.31
N VAL A 31 -2.93 -8.86 -7.58
CA VAL A 31 -3.02 -7.41 -7.45
C VAL A 31 -3.94 -6.82 -8.52
N GLU A 32 -4.28 -7.64 -9.51
CA GLU A 32 -5.16 -7.19 -10.59
C GLU A 32 -6.62 -7.24 -10.17
N VAL A 33 -6.91 -8.03 -9.15
CA VAL A 33 -8.27 -8.17 -8.65
C VAL A 33 -8.46 -7.38 -7.36
N LEU A 34 -7.39 -6.73 -6.90
CA LEU A 34 -7.44 -5.93 -5.67
C LEU A 34 -8.29 -4.69 -5.88
N ARG A 35 -9.37 -4.59 -5.12
CA ARG A 35 -10.27 -3.44 -5.21
C ARG A 35 -9.81 -2.32 -4.28
N ASP A 36 -10.18 -1.09 -4.63
CA ASP A 36 -9.80 0.08 -3.84
C ASP A 36 -10.65 0.16 -2.57
N ASP A 37 -11.74 -0.59 -2.55
CA ASP A 37 -12.64 -0.60 -1.39
C ASP A 37 -12.36 -1.81 -0.50
N SER A 38 -11.19 -2.40 -0.68
CA SER A 38 -10.80 -3.57 0.12
C SER A 38 -10.19 -3.14 1.45
N ARG A 39 -10.84 -3.55 2.54
CA ARG A 39 -10.36 -3.21 3.87
C ARG A 39 -9.49 -4.34 4.44
N PHE A 40 -8.46 -3.96 5.19
CA PHE A 40 -7.55 -4.93 5.79
C PHE A 40 -8.13 -5.47 7.11
N LEU A 41 -9.35 -6.00 7.03
CA LEU A 41 -10.01 -6.55 8.22
C LEU A 41 -11.38 -7.09 7.87
N ASP A 42 -12.11 -6.35 7.04
CA ASP A 42 -13.44 -6.77 6.62
C ASP A 42 -13.38 -7.85 5.55
N ASP A 43 -12.81 -7.50 4.39
CA ASP A 43 -12.68 -8.44 3.29
C ASP A 43 -11.35 -9.21 3.38
N LEU A 44 -10.25 -8.49 3.28
CA LEU A 44 -8.93 -9.09 3.36
C LEU A 44 -8.79 -9.95 4.60
N HIS A 45 -9.59 -9.64 5.62
CA HIS A 45 -9.56 -10.38 6.88
C HIS A 45 -8.18 -10.29 7.53
N MET A 46 -7.40 -9.30 7.11
CA MET A 46 -6.07 -9.09 7.67
C MET A 46 -6.15 -8.50 9.07
N SER A 47 -5.97 -9.37 10.07
CA SER A 47 -6.03 -8.93 11.47
C SER A 47 -5.07 -7.78 11.72
N SER A 48 -5.32 -7.04 12.79
CA SER A 48 -4.47 -5.90 13.14
C SER A 48 -2.99 -6.27 13.06
N ILE A 49 -2.68 -7.49 13.46
CA ILE A 49 -1.30 -7.98 13.43
C ILE A 49 -0.85 -8.28 12.00
N THR A 50 -1.74 -8.88 11.23
CA THR A 50 -1.44 -9.23 9.84
C THR A 50 -1.21 -7.97 9.00
N VAL A 51 -2.03 -6.95 9.22
CA VAL A 51 -1.92 -5.70 8.49
C VAL A 51 -0.53 -5.08 8.68
N GLY A 52 -0.10 -4.98 9.94
CA GLY A 52 1.19 -4.40 10.23
C GLY A 52 2.33 -5.16 9.54
N GLN A 53 2.17 -6.46 9.40
CA GLN A 53 3.18 -7.30 8.76
C GLN A 53 3.45 -6.83 7.34
N LEU A 54 2.38 -6.57 6.60
CA LEU A 54 2.51 -6.11 5.21
C LEU A 54 2.79 -4.61 5.15
N VAL A 55 2.23 -3.88 6.11
CA VAL A 55 2.43 -2.44 6.17
C VAL A 55 3.90 -2.08 6.31
N ASN A 56 4.64 -2.91 7.04
CA ASN A 56 6.06 -2.68 7.26
C ASN A 56 6.84 -2.85 5.96
N GLU A 57 6.37 -3.75 5.10
CA GLU A 57 7.02 -4.00 3.82
C GLU A 57 6.83 -2.82 2.88
N ALA A 58 5.66 -2.19 2.95
CA ALA A 58 5.36 -1.04 2.11
C ALA A 58 6.18 0.18 2.51
N ALA A 59 6.11 0.53 3.79
CA ALA A 59 6.86 1.67 4.31
C ALA A 59 8.32 1.62 3.88
N ARG A 60 8.92 0.44 3.98
CA ARG A 60 10.31 0.26 3.60
C ARG A 60 10.53 0.61 2.13
N ALA A 61 9.59 0.21 1.29
CA ALA A 61 9.67 0.49 -0.14
C ALA A 61 9.48 1.97 -0.43
N MET A 62 8.57 2.59 0.32
CA MET A 62 8.29 4.02 0.14
C MET A 62 9.44 4.87 0.67
N GLY A 63 10.25 4.29 1.56
CA GLY A 63 11.37 5.01 2.12
C GLY A 63 11.22 5.26 3.61
N LEU A 64 10.01 5.03 4.13
CA LEU A 64 9.74 5.22 5.55
C LEU A 64 10.60 4.31 6.41
N SER A 65 10.24 4.18 7.67
CA SER A 65 10.99 3.34 8.60
C SER A 65 10.20 3.14 9.89
N ALA A 66 10.02 4.22 10.64
CA ALA A 66 9.28 4.16 11.90
C ALA A 66 7.81 4.44 11.69
N VAL A 67 7.45 4.90 10.49
CA VAL A 67 6.07 5.21 10.16
C VAL A 67 5.20 3.95 10.19
N ALA A 68 5.85 2.80 10.30
CA ALA A 68 5.14 1.52 10.34
C ALA A 68 3.78 1.68 11.01
N MET A 69 2.72 1.60 10.21
CA MET A 69 1.36 1.72 10.72
C MET A 69 1.09 3.15 11.21
N PRO A 70 0.69 4.02 10.28
CA PRO A 70 0.40 5.42 10.58
C PRO A 70 -0.87 5.58 11.41
N THR A 71 -1.93 4.88 11.00
CA THR A 71 -3.20 4.94 11.72
C THR A 71 -3.95 3.63 11.61
N ASN A 72 -5.12 3.55 12.24
CA ASN A 72 -5.93 2.35 12.22
C ASN A 72 -6.14 1.86 10.79
N PHE A 73 -6.12 0.55 10.60
CA PHE A 73 -6.31 -0.05 9.29
C PHE A 73 -7.52 -0.98 9.28
N ALA A 74 -7.95 -1.39 10.46
CA ALA A 74 -9.09 -2.28 10.58
C ALA A 74 -10.33 -1.69 9.92
N THR A 75 -10.31 -0.37 9.72
CA THR A 75 -11.43 0.32 9.10
C THR A 75 -10.97 1.10 7.87
N ALA A 76 -9.74 0.88 7.46
CA ALA A 76 -9.19 1.54 6.28
C ALA A 76 -9.07 0.59 5.10
N THR A 77 -9.12 1.15 3.90
CA THR A 77 -9.02 0.35 2.68
C THR A 77 -7.65 0.47 2.04
N VAL A 78 -7.38 -0.35 1.04
CA VAL A 78 -6.10 -0.32 0.34
C VAL A 78 -5.75 1.08 -0.13
N ARG A 79 -6.77 1.82 -0.55
CA ARG A 79 -6.57 3.20 -1.01
C ARG A 79 -6.11 4.10 0.11
N GLU A 80 -6.67 3.90 1.30
CA GLU A 80 -6.31 4.70 2.46
C GLU A 80 -4.86 4.45 2.86
N MET A 81 -4.47 3.18 2.97
CA MET A 81 -3.11 2.82 3.33
C MET A 81 -2.12 3.30 2.29
N ALA A 82 -2.51 3.23 1.02
CA ALA A 82 -1.65 3.67 -0.07
C ALA A 82 -1.52 5.18 -0.10
N GLU A 83 -2.66 5.87 -0.05
CA GLU A 83 -2.68 7.32 -0.06
C GLU A 83 -1.87 7.90 1.10
N ALA A 84 -1.94 7.21 2.25
CA ALA A 84 -1.22 7.64 3.44
C ALA A 84 0.29 7.47 3.26
N LEU A 85 0.68 6.39 2.61
CA LEU A 85 2.09 6.11 2.36
C LEU A 85 2.66 7.05 1.30
N GLU A 86 1.93 7.21 0.21
CA GLU A 86 2.36 8.08 -0.88
C GLU A 86 2.48 9.53 -0.39
N ALA A 87 1.61 9.91 0.52
CA ALA A 87 1.61 11.27 1.07
C ALA A 87 2.90 11.54 1.84
N ARG A 88 3.42 10.52 2.51
CA ARG A 88 4.65 10.65 3.28
C ARG A 88 5.83 10.98 2.38
N GLU A 89 6.08 10.11 1.40
CA GLU A 89 7.19 10.31 0.47
C GLU A 89 7.01 11.59 -0.32
N ARG A 90 5.75 11.95 -0.58
CA ARG A 90 5.44 13.16 -1.34
C ARG A 90 5.93 14.40 -0.60
N GLU A 91 6.05 14.29 0.73
CA GLU A 91 6.50 15.40 1.55
C GLU A 91 7.96 15.23 1.94
N ALA A 92 8.43 13.98 1.92
CA ALA A 92 9.81 13.68 2.29
C ALA A 92 10.78 14.56 1.50
N PRO A 93 12.02 14.67 2.01
CA PRO A 93 13.07 15.47 1.38
C PRO A 93 13.56 14.87 0.06
N HIS A 94 13.45 15.62 -1.01
CA HIS A 94 13.88 15.16 -2.33
C HIS A 94 14.40 16.32 -3.17
N LEU A 95 14.64 16.05 -4.45
CA LEU A 95 15.13 17.07 -5.37
C LEU A 95 14.23 18.30 -5.36
N GLU A 96 14.74 19.40 -5.90
CA GLU A 96 13.98 20.65 -5.96
C GLU A 96 12.59 20.42 -6.57
N HIS A 97 11.56 20.82 -5.83
CA HIS A 97 10.18 20.66 -6.30
C HIS A 97 9.21 21.35 -5.36
N HIS A 98 9.23 20.95 -4.09
CA HIS A 98 8.35 21.54 -3.08
C HIS A 98 9.04 21.61 -1.73
N HIS A 99 8.30 22.06 -0.72
CA HIS A 99 8.84 22.17 0.63
C HIS A 99 7.71 22.20 1.66
N HIS A 100 7.92 21.52 2.78
CA HIS A 100 6.93 21.47 3.85
C HIS A 100 7.44 20.64 5.02
N HIS A 101 7.32 21.20 6.23
CA HIS A 101 7.76 20.51 7.44
C HIS A 101 6.65 19.64 8.01
N HIS A 102 5.57 20.28 8.43
CA HIS A 102 4.43 19.56 9.01
C HIS A 102 3.14 20.35 8.81
N MET A 1 2.05 -16.48 -7.79
CA MET A 1 1.77 -15.06 -7.62
C MET A 1 3.01 -14.22 -7.96
N ALA A 2 2.92 -13.45 -9.04
CA ALA A 2 4.01 -12.60 -9.46
C ALA A 2 3.61 -11.73 -10.65
N ARG A 3 4.59 -11.08 -11.27
CA ARG A 3 4.34 -10.21 -12.41
C ARG A 3 3.44 -9.04 -12.01
N ALA A 4 4.04 -8.01 -11.44
CA ALA A 4 3.30 -6.82 -11.01
C ALA A 4 2.95 -5.94 -12.21
N ASP A 5 3.68 -6.12 -13.30
CA ASP A 5 3.45 -5.33 -14.51
C ASP A 5 2.08 -5.62 -15.09
N ASP A 6 1.47 -6.72 -14.65
CA ASP A 6 0.15 -7.11 -15.12
C ASP A 6 -0.84 -5.96 -14.99
N THR A 7 -2.02 -6.12 -15.58
CA THR A 7 -3.05 -5.09 -15.53
C THR A 7 -2.49 -3.74 -15.96
N ALA A 8 -2.55 -3.45 -17.26
CA ALA A 8 -2.06 -2.19 -17.79
C ALA A 8 -0.55 -2.08 -17.62
N LEU A 9 -0.02 -0.88 -17.86
CA LEU A 9 1.41 -0.64 -17.73
C LEU A 9 1.86 -0.78 -16.28
N PRO A 10 3.14 -1.15 -16.09
CA PRO A 10 3.71 -1.33 -14.75
C PRO A 10 3.88 0.00 -14.02
N ALA A 11 3.66 -0.02 -12.71
CA ALA A 11 3.78 1.18 -11.89
C ALA A 11 3.00 2.34 -12.49
N ALA A 12 1.68 2.27 -12.40
CA ALA A 12 0.82 3.31 -12.94
C ALA A 12 0.78 4.51 -12.00
N THR A 13 1.00 4.27 -10.71
CA THR A 13 0.99 5.34 -9.72
C THR A 13 2.24 5.29 -8.85
N GLY A 14 2.54 4.12 -8.32
CA GLY A 14 3.72 3.97 -7.47
C GLY A 14 3.37 3.51 -6.07
N ALA A 15 3.23 4.47 -5.16
CA ALA A 15 2.90 4.17 -3.77
C ALA A 15 1.51 3.56 -3.67
N LEU A 16 0.61 3.99 -4.55
CA LEU A 16 -0.76 3.48 -4.55
C LEU A 16 -0.79 2.00 -4.92
N GLU A 17 -0.09 1.64 -5.99
CA GLU A 17 -0.03 0.25 -6.44
C GLU A 17 0.81 -0.58 -5.50
N LEU A 18 1.84 0.02 -4.93
CA LEU A 18 2.73 -0.67 -4.01
C LEU A 18 1.96 -1.25 -2.83
N VAL A 19 1.18 -0.39 -2.16
CA VAL A 19 0.38 -0.81 -1.02
C VAL A 19 -0.61 -1.89 -1.41
N ARG A 20 -1.44 -1.61 -2.41
CA ARG A 20 -2.43 -2.57 -2.88
C ARG A 20 -1.77 -3.87 -3.31
N HIS A 21 -0.60 -3.76 -3.95
CA HIS A 21 0.12 -4.94 -4.41
C HIS A 21 0.54 -5.82 -3.23
N LEU A 22 1.30 -5.25 -2.31
CA LEU A 22 1.78 -5.98 -1.14
C LEU A 22 0.59 -6.56 -0.37
N VAL A 23 -0.44 -5.74 -0.15
CA VAL A 23 -1.61 -6.18 0.57
C VAL A 23 -2.31 -7.33 -0.15
N ALA A 24 -2.43 -7.22 -1.47
CA ALA A 24 -3.08 -8.25 -2.27
C ALA A 24 -2.33 -9.58 -2.14
N GLU A 25 -1.01 -9.52 -2.29
CA GLU A 25 -0.18 -10.73 -2.20
C GLU A 25 -0.32 -11.37 -0.83
N ARG A 26 -0.67 -10.57 0.17
CA ARG A 26 -0.83 -11.07 1.53
C ARG A 26 -2.15 -11.83 1.68
N ALA A 27 -3.09 -11.54 0.78
CA ALA A 27 -4.39 -12.20 0.82
C ALA A 27 -4.45 -13.35 -0.18
N GLU A 28 -3.30 -13.68 -0.77
CA GLU A 28 -3.22 -14.76 -1.74
C GLU A 28 -4.10 -14.46 -2.96
N LEU A 29 -3.74 -13.43 -3.70
CA LEU A 29 -4.50 -13.04 -4.89
C LEU A 29 -3.56 -12.55 -5.99
N PRO A 30 -4.05 -12.57 -7.24
CA PRO A 30 -3.28 -12.11 -8.40
C PRO A 30 -3.06 -10.60 -8.40
N VAL A 31 -3.54 -9.95 -7.36
CA VAL A 31 -3.40 -8.49 -7.24
C VAL A 31 -4.38 -7.77 -8.14
N GLU A 32 -4.54 -8.27 -9.36
CA GLU A 32 -5.46 -7.67 -10.32
C GLU A 32 -6.88 -7.64 -9.77
N VAL A 33 -7.13 -8.47 -8.76
CA VAL A 33 -8.45 -8.54 -8.15
C VAL A 33 -8.57 -7.57 -6.98
N LEU A 34 -7.46 -6.93 -6.63
CA LEU A 34 -7.44 -5.97 -5.54
C LEU A 34 -8.25 -4.72 -5.88
N ARG A 35 -9.27 -4.45 -5.07
CA ARG A 35 -10.13 -3.28 -5.29
C ARG A 35 -9.61 -2.08 -4.51
N ASP A 36 -10.00 -0.89 -4.94
CA ASP A 36 -9.58 0.35 -4.29
C ASP A 36 -10.31 0.53 -2.97
N ASP A 37 -11.49 -0.07 -2.86
CA ASP A 37 -12.30 0.03 -1.66
C ASP A 37 -12.23 -1.26 -0.84
N SER A 38 -11.22 -2.07 -1.13
CA SER A 38 -11.04 -3.35 -0.42
C SER A 38 -10.54 -3.12 1.00
N ARG A 39 -11.40 -3.39 1.98
CA ARG A 39 -11.04 -3.21 3.38
C ARG A 39 -9.98 -4.23 3.80
N PHE A 40 -9.29 -3.93 4.88
CA PHE A 40 -8.24 -4.82 5.39
C PHE A 40 -8.84 -5.90 6.27
N LEU A 41 -10.16 -6.05 6.21
CA LEU A 41 -10.86 -7.07 7.00
C LEU A 41 -12.13 -7.53 6.28
N ASP A 42 -12.87 -6.58 5.71
CA ASP A 42 -14.10 -6.90 5.01
C ASP A 42 -13.83 -7.89 3.88
N ASP A 43 -12.84 -7.59 3.05
CA ASP A 43 -12.49 -8.47 1.93
C ASP A 43 -11.13 -9.11 2.16
N LEU A 44 -10.12 -8.29 2.45
CA LEU A 44 -8.78 -8.78 2.69
C LEU A 44 -8.74 -9.68 3.92
N HIS A 45 -9.70 -9.50 4.83
CA HIS A 45 -9.77 -10.30 6.05
C HIS A 45 -8.42 -10.35 6.74
N MET A 46 -7.87 -9.17 7.06
CA MET A 46 -6.58 -9.08 7.73
C MET A 46 -6.74 -8.49 9.12
N SER A 47 -6.22 -9.20 10.12
CA SER A 47 -6.31 -8.75 11.50
C SER A 47 -5.37 -7.57 11.75
N SER A 48 -5.66 -6.80 12.79
CA SER A 48 -4.85 -5.64 13.13
C SER A 48 -3.36 -6.00 13.14
N ILE A 49 -3.06 -7.20 13.62
CA ILE A 49 -1.68 -7.67 13.68
C ILE A 49 -1.16 -8.06 12.30
N THR A 50 -2.02 -8.71 11.51
CA THR A 50 -1.66 -9.14 10.17
C THR A 50 -1.35 -7.93 9.27
N VAL A 51 -2.12 -6.86 9.45
CA VAL A 51 -1.92 -5.66 8.65
C VAL A 51 -0.55 -5.05 8.91
N GLY A 52 -0.20 -4.88 10.18
CA GLY A 52 1.08 -4.31 10.53
C GLY A 52 2.24 -5.13 9.97
N GLN A 53 2.01 -6.41 9.75
CA GLN A 53 3.05 -7.29 9.21
C GLN A 53 3.41 -6.90 7.78
N LEU A 54 2.39 -6.70 6.96
CA LEU A 54 2.60 -6.32 5.57
C LEU A 54 2.85 -4.82 5.44
N VAL A 55 2.23 -4.04 6.33
CA VAL A 55 2.39 -2.59 6.32
C VAL A 55 3.85 -2.20 6.47
N ASN A 56 4.63 -3.04 7.14
CA ASN A 56 6.04 -2.77 7.36
C ASN A 56 6.81 -2.90 6.05
N GLU A 57 6.38 -3.83 5.20
CA GLU A 57 7.03 -4.04 3.91
C GLU A 57 6.81 -2.87 2.98
N ALA A 58 5.62 -2.28 3.05
CA ALA A 58 5.27 -1.13 2.21
C ALA A 58 6.16 0.07 2.53
N ALA A 59 6.21 0.43 3.80
CA ALA A 59 7.00 1.56 4.24
C ALA A 59 8.46 1.40 3.82
N ARG A 60 8.98 0.19 3.95
CA ARG A 60 10.37 -0.10 3.59
C ARG A 60 10.62 0.24 2.12
N ALA A 61 9.66 -0.12 1.27
CA ALA A 61 9.79 0.15 -0.16
C ALA A 61 9.69 1.64 -0.45
N MET A 62 8.78 2.31 0.25
CA MET A 62 8.58 3.75 0.06
C MET A 62 9.76 4.53 0.64
N GLY A 63 10.61 3.85 1.39
CA GLY A 63 11.76 4.50 1.99
C GLY A 63 11.43 5.14 3.33
N LEU A 64 10.62 4.45 4.13
CA LEU A 64 10.24 4.96 5.44
C LEU A 64 11.00 4.25 6.55
N SER A 65 10.55 4.42 7.79
CA SER A 65 11.19 3.79 8.94
C SER A 65 10.25 3.78 10.14
N ALA A 66 10.12 4.94 10.78
CA ALA A 66 9.25 5.06 11.95
C ALA A 66 7.79 5.19 11.54
N VAL A 67 7.56 5.42 10.25
CA VAL A 67 6.20 5.56 9.73
C VAL A 67 5.42 4.27 9.89
N ALA A 68 6.12 3.19 10.18
CA ALA A 68 5.49 1.89 10.37
C ALA A 68 4.16 2.02 11.10
N MET A 69 3.06 1.79 10.37
CA MET A 69 1.73 1.89 10.95
C MET A 69 1.41 3.34 11.34
N PRO A 70 1.00 4.13 10.35
CA PRO A 70 0.67 5.55 10.56
C PRO A 70 -0.63 5.71 11.35
N THR A 71 -1.46 4.67 11.37
CA THR A 71 -2.72 4.71 12.08
C THR A 71 -3.44 3.36 11.98
N ASN A 72 -4.47 3.19 12.81
CA ASN A 72 -5.25 1.96 12.81
C ASN A 72 -5.64 1.56 11.38
N PHE A 73 -5.65 0.26 11.12
CA PHE A 73 -6.00 -0.25 9.80
C PHE A 73 -7.16 -1.24 9.90
N ALA A 74 -7.52 -1.61 11.12
CA ALA A 74 -8.61 -2.55 11.35
C ALA A 74 -9.95 -1.96 10.89
N THR A 75 -9.93 -0.68 10.53
CA THR A 75 -11.14 0.00 10.08
C THR A 75 -10.86 0.88 8.86
N ALA A 76 -9.65 0.73 8.30
CA ALA A 76 -9.26 1.51 7.14
C ALA A 76 -9.34 0.67 5.87
N THR A 77 -8.99 1.28 4.74
CA THR A 77 -9.03 0.59 3.45
C THR A 77 -7.71 0.71 2.72
N VAL A 78 -7.55 -0.06 1.64
CA VAL A 78 -6.33 -0.03 0.85
C VAL A 78 -5.97 1.39 0.44
N ARG A 79 -6.99 2.18 0.12
CA ARG A 79 -6.78 3.56 -0.30
C ARG A 79 -6.23 4.40 0.85
N GLU A 80 -6.70 4.12 2.07
CA GLU A 80 -6.26 4.85 3.24
C GLU A 80 -4.78 4.58 3.52
N MET A 81 -4.41 3.31 3.52
CA MET A 81 -3.03 2.91 3.77
C MET A 81 -2.11 3.40 2.65
N ALA A 82 -2.56 3.25 1.41
CA ALA A 82 -1.77 3.68 0.26
C ALA A 82 -1.64 5.19 0.22
N GLU A 83 -2.74 5.89 0.50
CA GLU A 83 -2.75 7.35 0.49
C GLU A 83 -1.74 7.89 1.49
N ALA A 84 -1.67 7.27 2.66
CA ALA A 84 -0.75 7.69 3.70
C ALA A 84 0.71 7.59 3.24
N LEU A 85 1.05 6.46 2.63
CA LEU A 85 2.40 6.24 2.12
C LEU A 85 2.67 7.10 0.89
N GLU A 86 1.65 7.27 0.06
CA GLU A 86 1.77 8.07 -1.16
C GLU A 86 2.05 9.53 -0.81
N ALA A 87 1.40 10.02 0.24
CA ALA A 87 1.57 11.40 0.68
C ALA A 87 2.99 11.65 1.17
N ARG A 88 3.55 10.68 1.89
CA ARG A 88 4.90 10.80 2.40
C ARG A 88 5.89 11.11 1.29
N GLU A 89 5.91 10.26 0.27
CA GLU A 89 6.82 10.44 -0.85
C GLU A 89 6.39 11.62 -1.72
N ARG A 90 5.07 11.84 -1.80
CA ARG A 90 4.52 12.93 -2.59
C ARG A 90 5.02 14.28 -2.08
N GLU A 91 5.27 14.35 -0.78
CA GLU A 91 5.76 15.58 -0.16
C GLU A 91 6.91 15.30 0.80
N ALA A 92 7.90 14.57 0.31
CA ALA A 92 9.06 14.23 1.12
C ALA A 92 10.26 15.12 0.77
N PRO A 93 11.23 15.18 1.69
CA PRO A 93 12.44 16.00 1.51
C PRO A 93 13.36 15.42 0.44
N HIS A 94 13.33 14.11 0.29
CA HIS A 94 14.16 13.43 -0.70
C HIS A 94 13.30 12.74 -1.75
N LEU A 95 13.81 12.65 -2.97
CA LEU A 95 13.10 12.00 -4.06
C LEU A 95 13.68 10.62 -4.37
N GLU A 96 12.82 9.61 -4.41
CA GLU A 96 13.26 8.25 -4.70
C GLU A 96 12.08 7.37 -5.10
N HIS A 97 12.22 6.69 -6.23
CA HIS A 97 11.16 5.82 -6.73
C HIS A 97 11.67 4.99 -7.91
N HIS A 98 11.90 3.71 -7.66
CA HIS A 98 12.39 2.80 -8.71
C HIS A 98 11.56 1.52 -8.73
N HIS A 99 10.24 1.67 -8.59
CA HIS A 99 9.34 0.53 -8.60
C HIS A 99 9.02 0.10 -10.03
N HIS A 100 10.05 -0.20 -10.81
CA HIS A 100 9.88 -0.61 -12.20
C HIS A 100 9.78 -2.13 -12.30
N HIS A 101 8.66 -2.61 -12.83
CA HIS A 101 8.44 -4.04 -12.98
C HIS A 101 8.39 -4.74 -11.63
N HIS A 102 7.79 -5.92 -11.60
CA HIS A 102 7.67 -6.69 -10.36
C HIS A 102 7.10 -5.82 -9.23
#